data_4DP3
#
_entry.id   4DP3
#
_cell.length_a   58.499
_cell.length_b   156.198
_cell.length_c   164.586
_cell.angle_alpha   90.000
_cell.angle_beta   90.000
_cell.angle_gamma   90.000
#
_symmetry.space_group_name_H-M   'P 21 21 21'
#
loop_
_entity.id
_entity.type
_entity.pdbx_description
1 polymer 'Bifunctional dihydrofolate reductase-thymidylate synthase'
2 non-polymer '3-(2-{3-[(2,4-diamino-6-ethylpyrimidin-5-yl)oxy]propoxy}phenyl)propanoic acid'
3 non-polymer 'NADPH DIHYDRO-NICOTINAMIDE-ADENINE-DINUCLEOTIDE PHOSPHATE'
4 non-polymer 'PHOSPHATE ION'
5 water water
#
_entity_poly.entity_id   1
_entity_poly.type   'polypeptide(L)'
_entity_poly.pdbx_seq_one_letter_code
;MMEQVCDVFDIYAICACCKVESKNEGKKNEVFNNYTFRGLGNKGVLPWKCISLDMKYFRAVTTYVNESKYEKLKYKRCKY
LNKETVDNVNDMPNSKKLQNVVVMGRTNWESIPKKFKPLSNRINVILSRTLKKEDFDEDVYIINKVEDLIVLLGKLNYYK
CFILGGSVVYQEFLEKKLIKKIYFTRINSTYECDVFFPEINENEYQIISVSDVYTSNNTTLDFIIYKKTNNKMLNEQNCI
KGEEKNNDMPLKNDDKDTCHMKKLTEFYKNVDKYKINYENDDDDEEEDDFVYFNFNKEKEEKNKNSIHPNDFQIYNSLKY
KYHPEYQYLNIIYDIMMNGNKQSDRTGVGVLSKFGYIMKFDLSQYFPLLTTKKLFLRGIIEELLWFIRGETNGNTLLNKN
VRIWEANGTREFLDNRKLFHREVNDLGPIYGFQWRHFGAEYTNMYDNYENKGVDQLKNIINLIKNDPTSRRILLCAWNVK
DLDQMALPPCHILCQFYVFDGKLSCIMYQRSCDLGLGVPFNIASYSIFTHMIAQVCNLQPAQFIHVLGNAHVYNNHIDSL
KIQLNRIPYPFPTLKLNPDIKNIEDFTISDFTIQNYVHHEKISMDMAA
;
_entity_poly.pdbx_strand_id   A,B
#
loop_
_chem_comp.id
_chem_comp.type
_chem_comp.name
_chem_comp.formula
MMV non-polymer '3-(2-{3-[(2,4-diamino-6-ethylpyrimidin-5-yl)oxy]propoxy}phenyl)propanoic acid' 'C18 H24 N4 O4'
NDP non-polymer 'NADPH DIHYDRO-NICOTINAMIDE-ADENINE-DINUCLEOTIDE PHOSPHATE' 'C21 H30 N7 O17 P3'
PO4 non-polymer 'PHOSPHATE ION' 'O4 P -3'
#
# COMPACT_ATOMS: atom_id res chain seq x y z
N MET A 1 -22.06 27.12 23.09
CA MET A 1 -23.47 27.45 22.78
C MET A 1 -24.26 27.05 24.02
N MET A 2 -23.44 26.66 24.99
CA MET A 2 -23.67 26.23 26.36
C MET A 2 -22.46 25.35 26.68
N GLU A 3 -21.32 25.69 26.09
CA GLU A 3 -20.03 24.98 26.28
C GLU A 3 -20.08 23.94 27.39
N GLN A 4 -19.91 22.67 27.05
CA GLN A 4 -19.96 21.63 28.07
C GLN A 4 -18.68 21.46 28.86
N VAL A 5 -18.86 21.22 30.16
CA VAL A 5 -17.76 21.06 31.11
C VAL A 5 -16.66 20.09 30.68
N CYS A 6 -17.03 18.97 30.05
CA CYS A 6 -16.04 18.00 29.62
C CYS A 6 -15.18 18.50 28.46
N ASP A 7 -15.71 19.39 27.64
CA ASP A 7 -14.96 19.93 26.51
C ASP A 7 -14.01 21.02 26.98
N VAL A 8 -14.49 21.85 27.91
CA VAL A 8 -13.69 22.93 28.44
C VAL A 8 -12.49 22.37 29.20
N PHE A 9 -12.75 21.36 30.02
CA PHE A 9 -11.69 20.77 30.82
C PHE A 9 -11.09 19.48 30.30
N ASP A 10 -11.49 19.08 29.10
CA ASP A 10 -10.97 17.87 28.46
C ASP A 10 -10.94 16.67 29.40
N ILE A 11 -12.10 16.19 29.77
CA ILE A 11 -12.19 15.06 30.68
C ILE A 11 -12.49 13.80 29.90
N TYR A 12 -11.63 12.79 30.06
CA TYR A 12 -11.77 11.52 29.37
C TYR A 12 -11.71 10.35 30.32
N ALA A 13 -12.23 9.22 29.89
CA ALA A 13 -12.19 8.00 30.67
C ALA A 13 -11.28 7.05 29.90
N ILE A 14 -10.59 6.20 30.64
CA ILE A 14 -9.72 5.21 30.03
C ILE A 14 -9.87 3.98 30.93
N CYS A 15 -10.15 2.84 30.30
CA CYS A 15 -10.35 1.60 31.04
C CYS A 15 -9.83 0.42 30.22
N ALA A 16 -9.90 -0.76 30.83
CA ALA A 16 -9.49 -2.00 30.19
C ALA A 16 -10.54 -3.03 30.62
N CYS A 17 -11.23 -3.64 29.65
CA CYS A 17 -12.26 -4.62 29.98
C CYS A 17 -12.07 -6.01 29.37
N CYS A 18 -12.25 -7.04 30.19
CA CYS A 18 -12.13 -8.42 29.74
C CYS A 18 -13.54 -8.96 29.58
N LYS A 19 -13.64 -10.24 29.21
CA LYS A 19 -14.95 -10.87 29.05
C LYS A 19 -15.25 -11.43 30.44
N VAL A 20 -16.51 -11.35 30.86
CA VAL A 20 -16.90 -11.81 32.19
C VAL A 20 -17.35 -13.28 32.26
N GLU A 21 -17.34 -13.82 33.46
CA GLU A 21 -17.68 -15.23 33.68
C GLU A 21 -19.12 -15.70 33.93
N SER A 22 -19.87 -15.99 32.87
CA SER A 22 -21.22 -16.51 33.04
C SER A 22 -21.11 -18.02 33.28
N LYS A 23 -20.10 -18.59 32.63
CA LYS A 23 -19.65 -20.01 32.61
C LYS A 23 -20.18 -20.88 31.44
N ASN A 24 -20.62 -22.11 31.71
CA ASN A 24 -21.14 -22.94 30.63
C ASN A 24 -22.61 -22.60 30.38
N GLU A 25 -22.83 -21.32 30.08
CA GLU A 25 -24.14 -20.74 29.79
C GLU A 25 -24.78 -21.32 28.53
N GLY A 26 -24.03 -21.26 27.44
CA GLY A 26 -24.48 -21.74 26.15
C GLY A 26 -23.41 -21.30 25.19
N LYS A 27 -22.16 -21.49 25.59
CA LYS A 27 -21.00 -21.09 24.81
C LYS A 27 -20.99 -21.57 23.36
N LYS A 28 -21.72 -22.65 23.05
CA LYS A 28 -21.79 -23.16 21.68
C LYS A 28 -22.36 -22.07 20.74
N ASN A 29 -23.50 -21.49 21.12
CA ASN A 29 -24.15 -20.46 20.32
C ASN A 29 -24.41 -19.21 21.15
N GLU A 30 -23.37 -18.63 21.75
CA GLU A 30 -23.61 -17.42 22.53
C GLU A 30 -23.52 -16.19 21.65
N VAL A 31 -24.24 -15.13 22.04
CA VAL A 31 -24.27 -13.89 21.29
C VAL A 31 -23.30 -12.86 21.84
N PHE A 32 -22.68 -12.10 20.93
CA PHE A 32 -21.71 -11.09 21.33
C PHE A 32 -22.10 -9.68 20.89
N ASN A 33 -21.69 -8.70 21.69
CA ASN A 33 -21.93 -7.30 21.42
C ASN A 33 -20.88 -6.53 22.20
N ASN A 34 -20.88 -5.20 22.11
CA ASN A 34 -19.88 -4.41 22.84
C ASN A 34 -19.91 -4.69 24.34
N TYR A 35 -21.08 -5.00 24.89
CA TYR A 35 -21.20 -5.28 26.32
C TYR A 35 -20.47 -6.58 26.70
N THR A 36 -20.04 -7.34 25.71
CA THR A 36 -19.29 -8.58 25.96
C THR A 36 -18.05 -8.25 26.78
N PHE A 37 -17.39 -7.14 26.45
CA PHE A 37 -16.19 -6.71 27.16
C PHE A 37 -16.62 -5.71 28.23
N ARG A 38 -16.65 -6.16 29.48
CA ARG A 38 -17.08 -5.29 30.59
C ARG A 38 -16.45 -5.56 31.94
N GLY A 39 -15.56 -6.55 32.04
CA GLY A 39 -14.94 -6.86 33.32
C GLY A 39 -13.81 -5.91 33.70
N LEU A 40 -13.99 -5.20 34.82
CA LEU A 40 -12.99 -4.24 35.31
C LEU A 40 -12.08 -4.77 36.42
N GLY A 41 -12.70 -5.31 37.47
CA GLY A 41 -11.91 -5.83 38.58
C GLY A 41 -12.51 -7.00 39.33
N ASN A 42 -11.76 -7.48 40.32
CA ASN A 42 -12.20 -8.61 41.12
C ASN A 42 -11.47 -8.59 42.46
N LYS A 43 -12.23 -8.71 43.55
CA LYS A 43 -11.66 -8.71 44.90
C LYS A 43 -10.74 -7.51 45.16
N GLY A 44 -11.19 -6.32 44.74
CA GLY A 44 -10.41 -5.12 44.95
C GLY A 44 -9.22 -4.92 44.04
N VAL A 45 -8.92 -5.92 43.19
CA VAL A 45 -7.79 -5.81 42.26
C VAL A 45 -8.21 -6.13 40.82
N LEU A 46 -7.24 -6.11 39.91
CA LEU A 46 -7.50 -6.40 38.51
C LEU A 46 -7.85 -7.88 38.30
N PRO A 47 -8.74 -8.18 37.34
CA PRO A 47 -9.13 -9.56 37.07
C PRO A 47 -7.98 -10.43 36.61
N TRP A 48 -6.98 -9.79 36.00
CA TRP A 48 -5.83 -10.49 35.47
C TRP A 48 -4.53 -10.12 36.18
N LYS A 49 -3.53 -10.99 36.03
CA LYS A 49 -2.22 -10.79 36.66
C LYS A 49 -1.41 -9.64 36.08
N CYS A 50 -1.29 -9.60 34.76
CA CYS A 50 -0.52 -8.53 34.14
C CYS A 50 -0.51 -8.56 32.63
N ILE A 51 -1.20 -7.61 32.03
CA ILE A 51 -1.22 -7.51 30.58
C ILE A 51 -0.35 -6.28 30.37
N SER A 52 0.94 -6.52 30.12
CA SER A 52 1.89 -5.42 29.96
C SER A 52 1.66 -4.45 28.80
N LEU A 53 1.18 -4.92 27.65
CA LEU A 53 0.98 -3.99 26.55
C LEU A 53 -0.08 -2.94 26.89
N ASP A 54 -1.11 -3.34 27.65
CA ASP A 54 -2.14 -2.37 28.04
C ASP A 54 -1.54 -1.35 29.00
N MET A 55 -0.69 -1.81 29.90
CA MET A 55 -0.02 -0.98 30.89
C MET A 55 0.73 0.11 30.10
N LYS A 56 1.53 -0.33 29.14
CA LYS A 56 2.30 0.58 28.31
C LYS A 56 1.38 1.59 27.62
N TYR A 57 0.30 1.09 27.03
CA TYR A 57 -0.65 1.94 26.34
C TYR A 57 -1.28 2.94 27.32
N PHE A 58 -1.77 2.42 28.44
CA PHE A 58 -2.40 3.25 29.46
C PHE A 58 -1.46 4.37 29.90
N ARG A 59 -0.18 4.03 30.05
CA ARG A 59 0.84 4.98 30.49
C ARG A 59 1.17 6.00 29.43
N ALA A 60 1.26 5.55 28.20
CA ALA A 60 1.55 6.46 27.11
C ALA A 60 0.44 7.48 26.98
N VAL A 61 -0.80 7.00 27.03
CA VAL A 61 -1.96 7.89 26.89
C VAL A 61 -2.11 8.90 28.04
N THR A 62 -2.07 8.41 29.26
CA THR A 62 -2.27 9.28 30.42
C THR A 62 -1.13 10.22 30.76
N THR A 63 0.06 10.01 30.21
CA THR A 63 1.14 10.92 30.55
C THR A 63 1.58 11.80 29.39
N TYR A 64 1.03 11.54 28.20
CA TYR A 64 1.39 12.32 27.02
C TYR A 64 0.77 13.72 26.95
N VAL A 65 1.60 14.72 26.69
CA VAL A 65 1.13 16.08 26.56
C VAL A 65 1.77 16.76 25.36
N ASN A 66 1.04 17.70 24.77
CA ASN A 66 1.54 18.45 23.62
C ASN A 66 1.61 19.90 24.10
N GLU A 67 2.81 20.34 24.44
CA GLU A 67 3.02 21.70 24.92
C GLU A 67 2.39 22.79 24.06
N SER A 68 2.79 22.86 22.80
CA SER A 68 2.27 23.89 21.89
C SER A 68 0.76 23.94 21.73
N LYS A 69 0.06 22.95 22.27
CA LYS A 69 -1.41 22.94 22.17
C LYS A 69 -2.06 23.47 23.44
N TYR A 70 -1.25 23.74 24.47
CA TYR A 70 -1.77 24.23 25.73
C TYR A 70 -2.20 25.69 25.74
N GLU A 71 -1.38 26.56 25.16
CA GLU A 71 -1.71 27.99 25.12
C GLU A 71 -3.17 28.21 24.73
N LYS A 72 -3.67 27.35 23.84
CA LYS A 72 -5.05 27.44 23.36
C LYS A 72 -6.06 26.82 24.33
N LEU A 73 -5.60 25.84 25.11
CA LEU A 73 -6.47 25.19 26.08
C LEU A 73 -6.56 26.13 27.28
N LYS A 74 -5.46 26.82 27.55
CA LYS A 74 -5.38 27.77 28.65
C LYS A 74 -6.40 28.88 28.39
N TYR A 75 -6.41 29.39 27.16
CA TYR A 75 -7.36 30.43 26.75
C TYR A 75 -8.81 29.93 26.88
N LYS A 76 -9.07 28.76 26.30
CA LYS A 76 -10.40 28.17 26.33
C LYS A 76 -11.00 28.09 27.73
N ARG A 77 -10.21 27.61 28.68
CA ARG A 77 -10.68 27.47 30.05
C ARG A 77 -10.76 28.79 30.79
N CYS A 78 -9.82 29.69 30.52
CA CYS A 78 -9.85 31.00 31.15
C CYS A 78 -11.07 31.75 30.62
N LYS A 79 -11.28 31.68 29.32
CA LYS A 79 -12.42 32.34 28.70
C LYS A 79 -13.68 31.87 29.43
N TYR A 80 -13.85 30.55 29.51
CA TYR A 80 -14.99 29.92 30.15
C TYR A 80 -15.27 30.40 31.58
N LEU A 81 -14.24 30.40 32.42
CA LEU A 81 -14.37 30.82 33.82
C LEU A 81 -14.35 32.34 33.91
N ASN A 82 -14.24 32.98 32.74
CA ASN A 82 -14.19 34.44 32.66
C ASN A 82 -13.00 35.01 33.42
N LYS A 83 -11.85 34.41 33.18
CA LYS A 83 -10.60 34.85 33.78
C LYS A 83 -9.87 35.54 32.64
N GLU A 84 -8.54 35.50 32.63
CA GLU A 84 -7.84 36.19 31.56
C GLU A 84 -6.55 35.63 31.00
N THR A 85 -6.05 36.39 30.02
CA THR A 85 -4.81 36.10 29.31
C THR A 85 -3.76 37.09 29.84
N LYS A 96 6.36 23.76 36.59
CA LYS A 96 7.42 22.89 36.00
C LYS A 96 7.01 22.37 34.62
N LYS A 97 7.21 21.08 34.38
CA LYS A 97 6.84 20.47 33.10
C LYS A 97 5.33 20.29 33.04
N LEU A 98 4.75 20.47 31.85
CA LEU A 98 3.30 20.31 31.69
C LEU A 98 2.91 18.85 31.89
N GLN A 99 1.82 18.64 32.62
CA GLN A 99 1.35 17.29 32.91
C GLN A 99 -0.15 17.12 32.78
N ASN A 100 -0.61 15.88 32.81
CA ASN A 100 -2.02 15.57 32.74
C ASN A 100 -2.51 15.25 34.14
N VAL A 101 -3.81 15.44 34.37
CA VAL A 101 -4.38 15.13 35.67
C VAL A 101 -5.06 13.77 35.57
N VAL A 102 -4.86 12.92 36.57
CA VAL A 102 -5.50 11.61 36.58
C VAL A 102 -6.29 11.45 37.87
N VAL A 103 -7.55 11.07 37.74
CA VAL A 103 -8.46 10.90 38.86
C VAL A 103 -8.82 9.43 39.12
N MET A 104 -8.72 9.00 40.37
CA MET A 104 -9.06 7.62 40.68
C MET A 104 -9.83 7.43 41.98
N GLY A 105 -10.79 6.53 41.93
CA GLY A 105 -11.60 6.23 43.10
C GLY A 105 -10.66 5.71 44.16
N ARG A 106 -11.09 5.75 45.42
CA ARG A 106 -10.24 5.32 46.51
C ARG A 106 -9.82 3.86 46.40
N THR A 107 -10.78 2.97 46.11
CA THR A 107 -10.47 1.54 45.98
C THR A 107 -9.43 1.36 44.86
N ASN A 108 -9.62 2.10 43.78
CA ASN A 108 -8.70 2.03 42.66
C ASN A 108 -7.32 2.45 43.15
N TRP A 109 -7.24 3.55 43.88
CA TRP A 109 -5.95 4.00 44.39
C TRP A 109 -5.26 2.91 45.23
N GLU A 110 -6.04 2.23 46.07
CA GLU A 110 -5.47 1.21 46.93
C GLU A 110 -5.11 -0.09 46.23
N SER A 111 -5.66 -0.31 45.04
CA SER A 111 -5.36 -1.54 44.31
C SER A 111 -4.02 -1.47 43.58
N ILE A 112 -3.47 -0.27 43.45
CA ILE A 112 -2.20 -0.07 42.77
C ILE A 112 -1.03 -0.31 43.72
N PRO A 113 -0.01 -1.06 43.27
CA PRO A 113 1.17 -1.36 44.08
C PRO A 113 1.91 -0.09 44.48
N LYS A 114 2.34 -0.02 45.73
CA LYS A 114 3.04 1.14 46.27
C LYS A 114 4.12 1.70 45.36
N LYS A 115 4.95 0.84 44.78
CA LYS A 115 6.05 1.30 43.94
C LYS A 115 5.64 2.09 42.69
N PHE A 116 4.35 2.10 42.38
CA PHE A 116 3.88 2.83 41.21
C PHE A 116 3.18 4.14 41.59
N LYS A 117 3.06 4.38 42.90
CA LYS A 117 2.38 5.57 43.40
C LYS A 117 3.28 6.62 44.02
N PRO A 118 3.02 7.91 43.71
CA PRO A 118 1.95 8.35 42.81
C PRO A 118 2.31 8.03 41.36
N LEU A 119 1.31 7.88 40.50
CA LEU A 119 1.57 7.57 39.09
C LEU A 119 2.51 8.60 38.50
N SER A 120 3.64 8.13 37.98
CA SER A 120 4.66 8.97 37.42
C SER A 120 4.24 10.00 36.37
N ASN A 121 4.88 11.16 36.45
CA ASN A 121 4.67 12.26 35.53
C ASN A 121 3.24 12.69 35.31
N ARG A 122 2.37 12.37 36.27
CA ARG A 122 0.97 12.74 36.19
C ARG A 122 0.54 13.35 37.53
N ILE A 123 -0.40 14.28 37.49
CA ILE A 123 -0.90 14.91 38.70
C ILE A 123 -1.97 13.97 39.23
N ASN A 124 -1.77 13.43 40.42
CA ASN A 124 -2.71 12.48 41.02
C ASN A 124 -3.83 13.07 41.86
N VAL A 125 -5.05 12.64 41.56
CA VAL A 125 -6.22 13.10 42.29
C VAL A 125 -7.02 11.88 42.75
N ILE A 126 -7.36 11.84 44.03
CA ILE A 126 -8.09 10.72 44.59
C ILE A 126 -9.44 11.13 45.16
N LEU A 127 -10.48 10.41 44.76
CA LEU A 127 -11.83 10.67 45.25
C LEU A 127 -12.06 9.81 46.48
N SER A 128 -12.56 10.42 47.55
CA SER A 128 -12.81 9.67 48.78
C SER A 128 -13.58 10.47 49.84
N ARG A 129 -14.23 9.74 50.73
CA ARG A 129 -14.97 10.35 51.83
C ARG A 129 -14.39 9.86 53.15
N THR A 130 -14.02 8.58 53.19
CA THR A 130 -13.47 8.01 54.41
C THR A 130 -12.02 8.37 54.67
N LEU A 131 -11.34 8.93 53.67
CA LEU A 131 -9.94 9.29 53.87
C LEU A 131 -9.67 10.75 53.51
N LYS A 132 -8.80 11.40 54.26
CA LYS A 132 -8.45 12.79 54.03
C LYS A 132 -6.95 12.87 53.77
N LYS A 133 -6.46 14.05 53.36
CA LYS A 133 -5.04 14.22 53.07
C LYS A 133 -4.07 13.70 54.13
N GLU A 134 -4.47 13.72 55.39
CA GLU A 134 -3.62 13.24 56.48
C GLU A 134 -3.32 11.75 56.38
N ASP A 135 -4.21 11.01 55.73
CA ASP A 135 -4.04 9.57 55.56
C ASP A 135 -3.14 9.20 54.38
N PHE A 136 -2.62 10.19 53.68
CA PHE A 136 -1.75 9.92 52.55
C PHE A 136 -0.39 10.59 52.70
N ASP A 137 0.66 9.83 52.43
CA ASP A 137 2.02 10.35 52.52
C ASP A 137 2.42 10.94 51.15
N GLU A 138 1.73 10.48 50.10
CA GLU A 138 2.05 10.89 48.74
C GLU A 138 1.61 12.29 48.29
N ASP A 139 2.27 12.74 47.23
CA ASP A 139 1.99 14.02 46.59
C ASP A 139 0.71 13.77 45.79
N VAL A 140 -0.44 13.95 46.42
CA VAL A 140 -1.73 13.74 45.78
C VAL A 140 -2.77 14.72 46.30
N TYR A 141 -3.81 14.94 45.51
CA TYR A 141 -4.90 15.83 45.89
C TYR A 141 -6.03 14.91 46.28
N ILE A 142 -6.69 15.23 47.38
CA ILE A 142 -7.83 14.45 47.84
C ILE A 142 -9.05 15.34 47.68
N ILE A 143 -10.08 14.84 47.03
CA ILE A 143 -11.30 15.61 46.86
C ILE A 143 -12.43 14.68 47.27
N ASN A 144 -13.46 15.23 47.90
CA ASN A 144 -14.58 14.42 48.36
C ASN A 144 -15.88 14.63 47.60
N LYS A 145 -15.81 15.39 46.51
CA LYS A 145 -16.97 15.67 45.67
C LYS A 145 -16.49 15.77 44.25
N VAL A 146 -17.34 15.42 43.31
CA VAL A 146 -16.96 15.54 41.91
C VAL A 146 -16.87 17.03 41.64
N GLU A 147 -17.82 17.78 42.20
CA GLU A 147 -17.84 19.23 42.03
C GLU A 147 -16.48 19.84 42.38
N ASP A 148 -15.80 19.25 43.35
CA ASP A 148 -14.49 19.75 43.76
C ASP A 148 -13.40 19.50 42.72
N LEU A 149 -13.59 18.46 41.90
CA LEU A 149 -12.62 18.16 40.86
C LEU A 149 -12.66 19.27 39.84
N ILE A 150 -13.87 19.69 39.49
CA ILE A 150 -14.04 20.75 38.51
C ILE A 150 -13.40 22.03 39.01
N VAL A 151 -13.64 22.35 40.28
CA VAL A 151 -13.06 23.55 40.87
C VAL A 151 -11.54 23.45 40.78
N LEU A 152 -11.02 22.27 41.07
CA LEU A 152 -9.58 22.01 41.04
C LEU A 152 -8.99 22.16 39.63
N LEU A 153 -9.68 21.59 38.65
CA LEU A 153 -9.21 21.68 37.27
C LEU A 153 -9.19 23.14 36.85
N GLY A 154 -10.05 23.93 37.48
CA GLY A 154 -10.09 25.35 37.17
C GLY A 154 -8.83 26.04 37.66
N LYS A 155 -8.30 25.59 38.79
CA LYS A 155 -7.11 26.19 39.37
C LYS A 155 -5.78 25.72 38.78
N LEU A 156 -5.65 24.41 38.54
CA LEU A 156 -4.42 23.83 38.01
C LEU A 156 -4.08 24.07 36.55
N ASN A 157 -2.80 23.88 36.23
CA ASN A 157 -2.29 24.01 34.87
C ASN A 157 -2.02 22.57 34.42
N TYR A 158 -2.85 22.05 33.52
CA TYR A 158 -2.67 20.69 33.04
C TYR A 158 -3.14 20.58 31.60
N TYR A 159 -2.71 19.53 30.93
CA TYR A 159 -3.08 19.27 29.54
C TYR A 159 -4.48 18.66 29.49
N LYS A 160 -4.58 17.38 29.80
CA LYS A 160 -5.85 16.68 29.79
C LYS A 160 -6.11 16.01 31.13
N CYS A 161 -7.37 15.65 31.36
CA CYS A 161 -7.77 15.00 32.60
C CYS A 161 -8.34 13.60 32.30
N PHE A 162 -7.70 12.57 32.86
CA PHE A 162 -8.14 11.20 32.66
C PHE A 162 -8.73 10.56 33.91
N ILE A 163 -9.92 9.98 33.77
CA ILE A 163 -10.64 9.33 34.86
C ILE A 163 -10.24 7.83 34.76
N LEU A 164 -9.45 7.33 35.72
CA LEU A 164 -8.96 5.94 35.69
C LEU A 164 -9.93 5.04 36.36
N GLY A 165 -10.89 5.70 36.97
CA GLY A 165 -11.99 5.02 37.62
C GLY A 165 -11.93 4.08 38.80
N GLY A 166 -12.94 3.21 38.73
CA GLY A 166 -13.31 2.17 39.65
C GLY A 166 -14.69 2.19 39.02
N SER A 167 -15.49 1.13 39.12
CA SER A 167 -16.81 1.19 38.51
C SER A 167 -17.63 2.35 39.09
N VAL A 168 -17.47 2.60 40.39
CA VAL A 168 -18.20 3.70 41.03
C VAL A 168 -17.83 5.05 40.40
N VAL A 169 -16.54 5.23 40.08
CA VAL A 169 -16.10 6.49 39.48
C VAL A 169 -16.55 6.58 38.01
N TYR A 170 -16.42 5.49 37.27
CA TYR A 170 -16.83 5.53 35.87
C TYR A 170 -18.32 5.85 35.78
N GLN A 171 -19.12 5.09 36.52
CA GLN A 171 -20.56 5.26 36.54
C GLN A 171 -21.04 6.68 36.81
N GLU A 172 -20.43 7.35 37.78
CA GLU A 172 -20.86 8.70 38.12
C GLU A 172 -20.39 9.78 37.14
N PHE A 173 -19.24 9.60 36.51
CA PHE A 173 -18.78 10.60 35.55
C PHE A 173 -19.55 10.48 34.24
N LEU A 174 -20.03 9.27 33.96
CA LEU A 174 -20.82 9.05 32.75
C LEU A 174 -22.22 9.64 32.95
N GLU A 175 -22.80 9.40 34.13
CA GLU A 175 -24.13 9.91 34.44
C GLU A 175 -24.16 11.43 34.39
N LYS A 176 -23.07 12.06 34.85
CA LYS A 176 -22.98 13.51 34.86
C LYS A 176 -22.61 14.05 33.48
N LYS A 177 -22.43 13.13 32.53
CA LYS A 177 -22.08 13.50 31.18
C LYS A 177 -20.78 14.31 31.18
N LEU A 178 -19.83 13.90 32.00
CA LEU A 178 -18.54 14.59 32.08
C LEU A 178 -17.44 13.94 31.25
N ILE A 179 -17.77 12.84 30.56
CA ILE A 179 -16.81 12.13 29.74
C ILE A 179 -16.93 12.45 28.24
N LYS A 180 -15.85 12.99 27.70
CA LYS A 180 -15.75 13.40 26.30
C LYS A 180 -15.43 12.24 25.34
N LYS A 181 -14.59 11.30 25.80
CA LYS A 181 -14.20 10.15 25.01
C LYS A 181 -13.82 9.03 25.96
N ILE A 182 -14.07 7.79 25.56
CA ILE A 182 -13.70 6.64 26.37
C ILE A 182 -12.63 5.82 25.66
N TYR A 183 -11.41 5.82 26.20
CA TYR A 183 -10.32 5.02 25.63
C TYR A 183 -10.52 3.66 26.26
N PHE A 184 -11.05 2.75 25.45
CA PHE A 184 -11.44 1.42 25.87
C PHE A 184 -10.59 0.27 25.34
N THR A 185 -9.97 -0.49 26.25
CA THR A 185 -9.17 -1.63 25.84
C THR A 185 -10.04 -2.88 25.89
N ARG A 186 -10.00 -3.67 24.83
CA ARG A 186 -10.77 -4.90 24.80
C ARG A 186 -9.81 -6.06 25.01
N ILE A 187 -9.85 -6.61 26.22
CA ILE A 187 -9.01 -7.73 26.61
C ILE A 187 -9.80 -8.97 26.21
N ASN A 188 -9.36 -9.64 25.17
CA ASN A 188 -10.10 -10.79 24.69
C ASN A 188 -9.81 -12.12 25.37
N SER A 189 -10.17 -12.19 26.65
CA SER A 189 -10.00 -13.38 27.46
C SER A 189 -10.96 -13.25 28.63
N THR A 190 -11.31 -14.37 29.23
CA THR A 190 -12.26 -14.37 30.34
C THR A 190 -11.61 -14.54 31.70
N TYR A 191 -12.11 -13.79 32.67
CA TYR A 191 -11.59 -13.83 34.05
C TYR A 191 -12.74 -13.64 35.03
N GLU A 192 -12.54 -14.12 36.25
CA GLU A 192 -13.55 -13.95 37.28
C GLU A 192 -13.59 -12.46 37.61
N CYS A 193 -14.79 -11.89 37.74
CA CYS A 193 -14.93 -10.47 38.04
C CYS A 193 -16.10 -10.19 38.99
N ASP A 194 -16.05 -9.05 39.68
CA ASP A 194 -17.14 -8.65 40.57
C ASP A 194 -17.59 -7.21 40.31
N VAL A 195 -16.75 -6.41 39.67
CA VAL A 195 -17.10 -5.03 39.32
C VAL A 195 -17.10 -4.93 37.80
N PHE A 196 -17.97 -4.09 37.26
CA PHE A 196 -18.07 -3.97 35.80
C PHE A 196 -18.20 -2.53 35.30
N PHE A 197 -17.75 -2.29 34.07
CA PHE A 197 -17.85 -0.97 33.47
C PHE A 197 -19.33 -0.78 33.12
N PRO A 198 -19.86 0.44 33.29
CA PRO A 198 -21.27 0.64 32.96
C PRO A 198 -21.53 0.26 31.52
N GLU A 199 -22.75 -0.15 31.21
CA GLU A 199 -23.11 -0.49 29.85
C GLU A 199 -23.15 0.84 29.09
N ILE A 200 -22.38 0.93 28.00
CA ILE A 200 -22.34 2.17 27.23
C ILE A 200 -23.58 2.33 26.35
N ASN A 201 -24.19 3.51 26.40
CA ASN A 201 -25.38 3.80 25.60
C ASN A 201 -24.97 4.24 24.21
N GLU A 202 -25.36 3.44 23.23
CA GLU A 202 -25.06 3.70 21.82
C GLU A 202 -25.55 5.05 21.30
N ASN A 203 -26.62 5.57 21.90
CA ASN A 203 -27.16 6.86 21.47
C ASN A 203 -26.33 8.01 22.06
N GLU A 204 -25.46 7.67 22.99
CA GLU A 204 -24.61 8.67 23.64
C GLU A 204 -23.16 8.64 23.18
N TYR A 205 -22.62 7.43 23.02
CA TYR A 205 -21.23 7.26 22.60
C TYR A 205 -21.11 6.33 21.41
N GLN A 206 -20.37 6.76 20.38
CA GLN A 206 -20.17 5.92 19.22
C GLN A 206 -18.67 5.69 18.98
N ILE A 207 -18.34 4.47 18.59
CA ILE A 207 -16.95 4.11 18.31
C ILE A 207 -16.46 4.87 17.07
N ILE A 208 -15.35 5.58 17.20
CA ILE A 208 -14.79 6.31 16.09
C ILE A 208 -13.44 5.74 15.63
N SER A 209 -12.83 4.88 16.46
CA SER A 209 -11.54 4.31 16.09
C SER A 209 -11.26 2.95 16.70
N VAL A 210 -10.55 2.11 15.95
CA VAL A 210 -10.20 0.78 16.39
C VAL A 210 -8.75 0.53 15.97
N SER A 211 -7.94 0.08 16.92
CA SER A 211 -6.53 -0.15 16.65
C SER A 211 -6.21 -1.50 16.04
N ASP A 212 -4.92 -1.73 15.90
CA ASP A 212 -4.38 -2.98 15.37
C ASP A 212 -4.66 -3.98 16.49
N VAL A 213 -4.53 -5.26 16.21
CA VAL A 213 -4.77 -6.28 17.24
C VAL A 213 -3.39 -6.76 17.72
N TYR A 214 -3.28 -7.04 19.01
CA TYR A 214 -2.01 -7.49 19.55
C TYR A 214 -2.19 -8.66 20.49
N THR A 215 -1.06 -9.27 20.84
CA THR A 215 -1.01 -10.37 21.79
C THR A 215 -0.07 -9.92 22.90
N SER A 216 -0.48 -10.15 24.14
CA SER A 216 0.33 -9.78 25.30
C SER A 216 -0.06 -10.68 26.46
N ASN A 217 0.93 -11.36 27.03
CA ASN A 217 0.67 -12.25 28.15
C ASN A 217 -0.44 -13.25 27.87
N ASN A 218 -0.35 -13.93 26.72
CA ASN A 218 -1.32 -14.94 26.35
C ASN A 218 -2.76 -14.53 26.08
N THR A 219 -2.97 -13.30 25.61
CA THR A 219 -4.32 -12.86 25.28
C THR A 219 -4.22 -11.81 24.19
N THR A 220 -5.18 -11.82 23.28
CA THR A 220 -5.18 -10.83 22.24
C THR A 220 -5.96 -9.67 22.84
N LEU A 221 -5.76 -8.47 22.29
CA LEU A 221 -6.45 -7.28 22.77
C LEU A 221 -6.30 -6.21 21.73
N ASP A 222 -7.20 -5.24 21.74
CA ASP A 222 -7.10 -4.11 20.85
C ASP A 222 -7.59 -2.90 21.60
N PHE A 223 -7.47 -1.72 21.01
CA PHE A 223 -7.88 -0.49 21.66
C PHE A 223 -8.84 0.27 20.78
N ILE A 224 -9.96 0.69 21.36
CA ILE A 224 -10.96 1.43 20.60
C ILE A 224 -11.30 2.72 21.35
N ILE A 225 -11.80 3.69 20.61
CA ILE A 225 -12.15 4.96 21.19
C ILE A 225 -13.62 5.29 20.96
N TYR A 226 -14.36 5.55 22.05
CA TYR A 226 -15.76 5.92 21.94
C TYR A 226 -15.81 7.44 22.01
N LYS A 227 -16.68 8.05 21.22
CA LYS A 227 -16.80 9.50 21.24
C LYS A 227 -18.21 9.90 21.62
N LYS A 228 -18.34 10.98 22.39
CA LYS A 228 -19.64 11.46 22.80
C LYS A 228 -20.32 12.01 21.54
N THR A 229 -21.50 11.50 21.23
CA THR A 229 -22.23 11.94 20.04
C THR A 229 -23.00 13.23 20.34
N ASN A 230 -23.36 13.96 19.28
CA ASN A 230 -24.12 15.19 19.45
C ASN A 230 -25.63 14.94 19.40
N ASN A 231 -26.07 14.04 20.28
CA ASN A 231 -27.49 13.67 20.41
C ASN A 231 -27.95 13.86 21.85
N ASP A 283 5.58 24.09 8.65
CA ASP A 283 5.50 24.45 7.20
C ASP A 283 4.04 24.47 6.78
N ASP A 284 3.72 25.18 5.69
CA ASP A 284 2.34 25.23 5.22
C ASP A 284 2.14 25.76 3.80
N GLU A 285 3.22 25.85 3.03
CA GLU A 285 3.14 26.29 1.64
C GLU A 285 3.14 25.01 0.82
N GLU A 286 3.69 23.96 1.43
CA GLU A 286 3.74 22.65 0.81
C GLU A 286 2.36 22.04 0.94
N GLU A 287 1.57 22.56 1.89
CA GLU A 287 0.20 22.08 2.08
C GLU A 287 -0.53 22.42 0.78
N ASP A 288 -0.14 23.54 0.17
CA ASP A 288 -0.73 23.99 -1.09
C ASP A 288 -0.21 23.17 -2.28
N ASP A 289 1.08 22.81 -2.25
CA ASP A 289 1.66 22.01 -3.34
C ASP A 289 0.90 20.69 -3.43
N PHE A 290 0.45 20.19 -2.29
CA PHE A 290 -0.30 18.94 -2.23
C PHE A 290 -1.59 19.09 -3.03
N VAL A 291 -2.17 20.29 -3.00
CA VAL A 291 -3.40 20.56 -3.74
C VAL A 291 -3.08 20.60 -5.23
N TYR A 292 -1.91 21.13 -5.57
CA TYR A 292 -1.52 21.22 -6.96
C TYR A 292 -1.36 19.84 -7.56
N PHE A 293 -0.56 18.99 -6.94
CA PHE A 293 -0.32 17.64 -7.45
C PHE A 293 -1.59 16.78 -7.53
N ASN A 294 -2.67 17.23 -6.90
CA ASN A 294 -3.94 16.50 -6.92
C ASN A 294 -4.93 17.16 -7.87
N PHE A 295 -4.43 18.01 -8.76
CA PHE A 295 -5.28 18.72 -9.71
C PHE A 295 -6.01 17.82 -10.70
N ASN A 296 -5.47 16.64 -10.95
CA ASN A 296 -6.08 15.74 -11.92
C ASN A 296 -7.00 14.67 -11.32
N LYS A 297 -7.19 14.71 -10.00
CA LYS A 297 -8.05 13.74 -9.36
C LYS A 297 -9.52 13.87 -9.75
N GLU A 298 -10.16 12.73 -9.93
CA GLU A 298 -11.57 12.58 -10.34
C GLU A 298 -12.54 13.67 -9.89
N LYS A 299 -13.77 13.57 -10.41
CA LYS A 299 -14.83 14.47 -10.00
C LYS A 299 -15.54 13.58 -8.98
N GLU A 300 -16.52 14.11 -8.25
CA GLU A 300 -17.21 13.27 -7.28
C GLU A 300 -18.30 12.43 -7.97
N GLU A 301 -18.77 12.92 -9.12
CA GLU A 301 -19.82 12.24 -9.90
C GLU A 301 -19.25 11.14 -10.80
N LYS A 302 -17.93 11.16 -11.00
CA LYS A 302 -17.23 10.21 -11.87
C LYS A 302 -16.70 8.97 -11.15
N ASN A 303 -17.12 8.78 -9.90
CA ASN A 303 -16.72 7.61 -9.12
C ASN A 303 -17.73 6.52 -9.53
N LYS A 304 -17.26 5.55 -10.32
CA LYS A 304 -18.07 4.46 -10.86
C LYS A 304 -19.50 4.17 -10.41
N ASN A 305 -19.67 3.06 -9.69
CA ASN A 305 -20.99 2.58 -9.25
C ASN A 305 -21.95 3.39 -8.40
N SER A 306 -23.23 3.10 -8.63
CA SER A 306 -24.32 3.75 -7.92
C SER A 306 -24.52 3.11 -6.55
N ILE A 307 -23.59 3.40 -5.65
CA ILE A 307 -23.66 2.94 -4.28
C ILE A 307 -23.98 4.24 -3.57
N HIS A 308 -24.65 4.13 -2.44
CA HIS A 308 -25.08 5.31 -1.71
C HIS A 308 -24.27 5.73 -0.48
N PRO A 309 -24.38 7.01 -0.08
CA PRO A 309 -23.65 7.48 1.11
C PRO A 309 -24.05 6.70 2.35
N ASN A 310 -25.20 7.05 2.91
CA ASN A 310 -25.74 6.43 4.11
C ASN A 310 -25.60 4.91 4.20
N ASP A 311 -25.39 4.27 3.05
CA ASP A 311 -25.23 2.81 3.03
C ASP A 311 -24.00 2.37 3.83
N PHE A 312 -23.03 3.26 3.96
CA PHE A 312 -21.81 2.97 4.70
C PHE A 312 -21.56 4.07 5.72
N GLN A 313 -22.63 4.45 6.41
CA GLN A 313 -22.62 5.49 7.42
C GLN A 313 -21.71 5.17 8.61
N ILE A 314 -21.90 3.99 9.20
CA ILE A 314 -21.08 3.57 10.33
C ILE A 314 -19.64 3.36 9.84
N TYR A 315 -19.50 2.59 8.78
CA TYR A 315 -18.19 2.30 8.18
C TYR A 315 -17.41 3.57 7.91
N ASN A 316 -18.05 4.57 7.33
CA ASN A 316 -17.35 5.80 7.02
C ASN A 316 -17.25 6.81 8.15
N SER A 317 -17.92 6.54 9.26
CA SER A 317 -17.87 7.45 10.40
C SER A 317 -16.57 7.22 11.17
N LEU A 318 -16.02 6.01 11.06
CA LEU A 318 -14.78 5.65 11.74
C LEU A 318 -13.61 6.49 11.26
N LYS A 319 -12.88 7.06 12.21
CA LYS A 319 -11.73 7.90 11.90
C LYS A 319 -10.49 7.02 11.62
N TYR A 320 -10.17 6.12 12.55
CA TYR A 320 -9.02 5.23 12.42
C TYR A 320 -9.46 3.76 12.34
N LYS A 321 -9.21 3.14 11.19
CA LYS A 321 -9.60 1.75 10.96
C LYS A 321 -8.36 0.87 10.85
N TYR A 322 -7.65 0.71 11.96
CA TYR A 322 -6.42 -0.08 11.95
C TYR A 322 -6.53 -1.56 12.23
N HIS A 323 -7.71 -2.01 12.65
CA HIS A 323 -7.92 -3.44 12.91
C HIS A 323 -7.56 -4.13 11.59
N PRO A 324 -6.78 -5.24 11.65
CA PRO A 324 -6.42 -5.91 10.40
C PRO A 324 -7.60 -6.34 9.52
N GLU A 325 -8.75 -6.56 10.14
CA GLU A 325 -9.91 -6.99 9.38
C GLU A 325 -10.30 -5.94 8.36
N TYR A 326 -9.83 -4.72 8.56
CA TYR A 326 -10.16 -3.67 7.61
C TYR A 326 -9.46 -3.84 6.27
N GLN A 327 -8.47 -4.72 6.22
CA GLN A 327 -7.78 -4.95 4.95
C GLN A 327 -8.76 -5.65 4.04
N TYR A 328 -9.58 -6.49 4.64
CA TYR A 328 -10.58 -7.24 3.91
C TYR A 328 -11.74 -6.28 3.62
N LEU A 329 -12.29 -5.70 4.67
CA LEU A 329 -13.42 -4.78 4.53
C LEU A 329 -13.16 -3.66 3.53
N ASN A 330 -11.95 -3.07 3.56
CA ASN A 330 -11.60 -1.96 2.65
C ASN A 330 -11.52 -2.37 1.18
N ILE A 331 -11.23 -3.64 0.93
CA ILE A 331 -11.15 -4.15 -0.43
C ILE A 331 -12.56 -4.29 -0.99
N ILE A 332 -13.46 -4.74 -0.14
CA ILE A 332 -14.86 -4.90 -0.52
C ILE A 332 -15.46 -3.53 -0.81
N TYR A 333 -15.12 -2.55 0.01
CA TYR A 333 -15.63 -1.21 -0.18
C TYR A 333 -15.13 -0.71 -1.52
N ASP A 334 -13.83 -0.87 -1.76
CA ASP A 334 -13.22 -0.42 -3.00
C ASP A 334 -13.86 -1.06 -4.23
N ILE A 335 -14.15 -2.36 -4.16
CA ILE A 335 -14.75 -3.02 -5.30
C ILE A 335 -16.18 -2.52 -5.56
N MET A 336 -16.94 -2.26 -4.49
CA MET A 336 -18.29 -1.76 -4.65
C MET A 336 -18.29 -0.34 -5.22
N MET A 337 -17.33 0.46 -4.78
CA MET A 337 -17.22 1.84 -5.24
C MET A 337 -16.52 2.03 -6.58
N ASN A 338 -15.55 1.18 -6.90
CA ASN A 338 -14.81 1.32 -8.15
C ASN A 338 -14.75 0.09 -9.05
N GLY A 339 -15.39 -0.98 -8.63
CA GLY A 339 -15.36 -2.19 -9.43
C GLY A 339 -15.88 -2.08 -10.85
N ASN A 340 -15.44 -3.00 -11.71
CA ASN A 340 -15.87 -3.02 -13.09
C ASN A 340 -17.00 -4.03 -13.19
N LYS A 341 -18.07 -3.65 -13.89
CA LYS A 341 -19.21 -4.52 -14.08
C LYS A 341 -18.88 -5.51 -15.18
N GLN A 342 -18.85 -6.79 -14.83
CA GLN A 342 -18.56 -7.82 -15.81
C GLN A 342 -19.46 -9.00 -15.58
N SER A 343 -19.67 -9.78 -16.63
CA SER A 343 -20.46 -10.97 -16.53
C SER A 343 -19.40 -11.98 -16.12
N ASP A 344 -19.78 -13.20 -15.84
CA ASP A 344 -18.79 -14.18 -15.51
C ASP A 344 -19.34 -15.56 -15.82
N ARG A 345 -18.42 -16.52 -15.84
CA ARG A 345 -18.73 -17.91 -16.11
C ARG A 345 -20.02 -18.40 -15.44
N THR A 346 -20.47 -17.68 -14.41
CA THR A 346 -21.66 -18.05 -13.64
C THR A 346 -23.04 -17.46 -14.04
N GLY A 347 -23.04 -16.25 -14.62
CA GLY A 347 -24.30 -15.63 -15.01
C GLY A 347 -24.78 -14.53 -14.07
N VAL A 348 -24.44 -14.65 -12.79
CA VAL A 348 -24.82 -13.67 -11.78
C VAL A 348 -24.26 -12.29 -12.09
N GLY A 349 -23.02 -12.27 -12.57
CA GLY A 349 -22.39 -11.00 -12.85
C GLY A 349 -21.71 -10.56 -11.56
N VAL A 350 -20.63 -9.81 -11.69
CA VAL A 350 -19.89 -9.38 -10.53
C VAL A 350 -19.38 -7.97 -10.74
N LEU A 351 -18.66 -7.51 -9.73
CA LEU A 351 -17.99 -6.22 -9.73
C LEU A 351 -16.58 -6.73 -9.46
N SER A 352 -15.64 -6.40 -10.34
CA SER A 352 -14.28 -6.90 -10.17
C SER A 352 -13.20 -5.86 -10.34
N LYS A 353 -12.05 -6.15 -9.74
CA LYS A 353 -10.87 -5.32 -9.80
C LYS A 353 -9.70 -6.29 -9.91
N PHE A 354 -8.52 -5.77 -10.23
CA PHE A 354 -7.38 -6.65 -10.43
C PHE A 354 -6.18 -6.30 -9.58
N GLY A 355 -5.83 -7.19 -8.65
CA GLY A 355 -4.67 -6.99 -7.81
C GLY A 355 -4.80 -6.28 -6.48
N TYR A 356 -4.80 -7.06 -5.40
CA TYR A 356 -4.89 -6.51 -4.04
C TYR A 356 -3.93 -7.35 -3.20
N ILE A 357 -3.55 -6.82 -2.05
CA ILE A 357 -2.66 -7.55 -1.16
C ILE A 357 -3.07 -7.27 0.28
N MET A 358 -3.09 -8.31 1.11
CA MET A 358 -3.44 -8.17 2.51
C MET A 358 -2.33 -8.84 3.31
N LYS A 359 -2.03 -8.31 4.49
CA LYS A 359 -1.00 -8.90 5.33
C LYS A 359 -1.50 -9.12 6.75
N PHE A 360 -1.27 -10.31 7.28
CA PHE A 360 -1.72 -10.61 8.62
C PHE A 360 -0.54 -11.11 9.45
N ASP A 361 -0.42 -10.59 10.67
CA ASP A 361 0.67 -10.96 11.56
C ASP A 361 0.20 -12.11 12.45
N LEU A 362 0.54 -13.33 12.04
CA LEU A 362 0.15 -14.53 12.76
C LEU A 362 0.71 -14.66 14.17
N SER A 363 1.74 -13.88 14.48
CA SER A 363 2.34 -13.94 15.81
C SER A 363 1.54 -13.10 16.81
N GLN A 364 0.67 -12.24 16.29
CA GLN A 364 -0.14 -11.36 17.15
C GLN A 364 -1.61 -11.76 17.24
N TYR A 365 -2.08 -12.59 16.32
CA TYR A 365 -3.48 -13.00 16.32
C TYR A 365 -3.76 -14.02 15.21
N PHE A 366 -4.93 -14.65 15.27
CA PHE A 366 -5.35 -15.58 14.23
C PHE A 366 -6.44 -14.80 13.51
N PRO A 367 -6.18 -14.39 12.26
CA PRO A 367 -7.14 -13.60 11.48
C PRO A 367 -8.44 -14.25 10.96
N LEU A 368 -9.30 -14.66 11.88
CA LEU A 368 -10.60 -15.25 11.52
C LEU A 368 -11.59 -14.09 11.60
N LEU A 369 -12.19 -13.71 10.49
CA LEU A 369 -13.11 -12.58 10.46
C LEU A 369 -14.15 -12.58 11.57
N THR A 370 -14.36 -11.41 12.15
CA THR A 370 -15.31 -11.25 13.24
C THR A 370 -16.56 -10.49 12.86
N THR A 371 -16.58 -9.86 11.68
CA THR A 371 -17.78 -9.12 11.30
C THR A 371 -18.88 -10.06 10.82
N LYS A 372 -18.62 -11.36 10.92
CA LYS A 372 -19.59 -12.38 10.55
C LYS A 372 -19.08 -13.71 11.08
N LYS A 373 -19.98 -14.61 11.41
CA LYS A 373 -19.60 -15.91 11.96
C LYS A 373 -18.98 -16.83 10.91
N LEU A 374 -17.92 -17.52 11.30
CA LEU A 374 -17.26 -18.46 10.42
C LEU A 374 -16.97 -19.72 11.21
N PHE A 375 -17.18 -20.89 10.59
CA PHE A 375 -16.89 -22.16 11.26
C PHE A 375 -15.63 -22.70 10.60
N LEU A 376 -14.69 -23.20 11.40
CA LEU A 376 -13.44 -23.72 10.85
C LEU A 376 -13.33 -25.25 10.68
N ARG A 377 -14.27 -26.02 11.20
CA ARG A 377 -14.17 -27.47 11.10
C ARG A 377 -13.97 -27.90 9.65
N GLY A 378 -14.83 -27.39 8.77
CA GLY A 378 -14.77 -27.75 7.35
C GLY A 378 -13.45 -27.44 6.66
N ILE A 379 -13.00 -26.20 6.76
CA ILE A 379 -11.75 -25.83 6.10
C ILE A 379 -10.54 -26.52 6.71
N ILE A 380 -10.62 -26.91 7.98
CA ILE A 380 -9.52 -27.63 8.60
C ILE A 380 -9.53 -29.03 7.96
N GLU A 381 -10.70 -29.66 7.93
CA GLU A 381 -10.83 -30.99 7.33
C GLU A 381 -10.35 -30.95 5.86
N GLU A 382 -10.68 -29.89 5.15
CA GLU A 382 -10.26 -29.78 3.76
C GLU A 382 -8.73 -29.76 3.70
N LEU A 383 -8.12 -28.96 4.57
CA LEU A 383 -6.66 -28.83 4.63
C LEU A 383 -5.99 -30.16 4.92
N LEU A 384 -6.56 -30.94 5.83
CA LEU A 384 -6.00 -32.25 6.16
C LEU A 384 -6.15 -33.14 4.94
N TRP A 385 -7.31 -33.01 4.29
CA TRP A 385 -7.65 -33.75 3.08
C TRP A 385 -6.62 -33.41 1.98
N PHE A 386 -6.23 -32.14 1.89
CA PHE A 386 -5.21 -31.73 0.91
C PHE A 386 -3.90 -32.43 1.24
N ILE A 387 -3.45 -32.25 2.47
CA ILE A 387 -2.19 -32.84 2.94
C ILE A 387 -2.09 -34.34 2.72
N ARG A 388 -3.21 -35.05 2.79
CA ARG A 388 -3.17 -36.50 2.57
C ARG A 388 -3.12 -36.79 1.06
N GLY A 389 -3.33 -35.75 0.26
CA GLY A 389 -3.30 -35.91 -1.19
C GLY A 389 -4.58 -36.46 -1.79
N GLU A 390 -5.68 -36.40 -1.04
CA GLU A 390 -6.94 -36.93 -1.53
C GLU A 390 -7.63 -36.11 -2.62
N THR A 391 -8.44 -36.80 -3.41
CA THR A 391 -9.19 -36.18 -4.49
C THR A 391 -10.62 -36.74 -4.47
N ASN A 392 -10.89 -37.57 -3.45
CA ASN A 392 -12.21 -38.19 -3.26
C ASN A 392 -13.12 -37.30 -2.44
N GLY A 393 -14.14 -36.73 -3.09
CA GLY A 393 -15.07 -35.86 -2.41
C GLY A 393 -15.93 -36.53 -1.35
N ASN A 394 -16.13 -37.84 -1.47
CA ASN A 394 -16.96 -38.56 -0.50
C ASN A 394 -16.33 -38.47 0.89
N THR A 395 -15.00 -38.48 0.94
CA THR A 395 -14.30 -38.41 2.21
C THR A 395 -14.76 -37.21 3.03
N LEU A 396 -14.94 -36.06 2.38
CA LEU A 396 -15.39 -34.85 3.06
C LEU A 396 -16.89 -34.92 3.36
N LEU A 397 -17.67 -35.45 2.42
CA LEU A 397 -19.11 -35.58 2.61
C LEU A 397 -19.42 -36.43 3.83
N ASN A 398 -18.63 -37.47 4.05
CA ASN A 398 -18.81 -38.36 5.19
C ASN A 398 -18.45 -37.72 6.53
N LYS A 399 -17.82 -36.55 6.47
CA LYS A 399 -17.47 -35.79 7.67
C LYS A 399 -18.39 -34.58 7.68
N ASN A 400 -19.44 -34.68 6.86
CA ASN A 400 -20.42 -33.62 6.72
C ASN A 400 -19.80 -32.24 6.40
N VAL A 401 -18.93 -32.22 5.39
CA VAL A 401 -18.26 -31.01 4.91
C VAL A 401 -18.68 -31.00 3.44
N ARG A 402 -19.43 -29.98 3.03
CA ARG A 402 -19.93 -29.95 1.68
C ARG A 402 -19.30 -28.94 0.74
N ILE A 403 -18.15 -28.39 1.13
CA ILE A 403 -17.42 -27.42 0.33
C ILE A 403 -17.25 -27.82 -1.13
N TRP A 404 -16.91 -29.08 -1.37
CA TRP A 404 -16.68 -29.58 -2.73
C TRP A 404 -17.83 -30.35 -3.37
N GLU A 405 -18.95 -30.45 -2.69
CA GLU A 405 -20.09 -31.19 -3.22
C GLU A 405 -20.59 -30.75 -4.59
N ALA A 406 -20.86 -29.46 -4.74
CA ALA A 406 -21.36 -28.95 -6.02
C ALA A 406 -20.43 -29.23 -7.21
N ASN A 407 -19.12 -29.26 -6.96
CA ASN A 407 -18.17 -29.50 -8.06
C ASN A 407 -17.94 -30.97 -8.37
N GLY A 408 -18.66 -31.86 -7.68
CA GLY A 408 -18.48 -33.28 -7.94
C GLY A 408 -19.71 -34.00 -8.47
N THR A 409 -20.77 -33.25 -8.76
CA THR A 409 -22.01 -33.86 -9.27
C THR A 409 -21.87 -34.38 -10.70
N ARG A 410 -22.73 -35.34 -11.05
CA ARG A 410 -22.72 -35.90 -12.39
C ARG A 410 -22.85 -34.73 -13.35
N GLU A 411 -23.80 -33.84 -13.06
CA GLU A 411 -24.07 -32.67 -13.87
C GLU A 411 -22.85 -31.78 -14.07
N PHE A 412 -22.25 -31.33 -12.97
CA PHE A 412 -21.10 -30.46 -13.08
C PHE A 412 -19.95 -31.15 -13.81
N LEU A 413 -19.69 -32.41 -13.48
CA LEU A 413 -18.63 -33.16 -14.14
C LEU A 413 -18.90 -33.28 -15.65
N ASP A 414 -20.15 -33.52 -16.01
CA ASP A 414 -20.50 -33.63 -17.44
C ASP A 414 -20.29 -32.29 -18.14
N ASN A 415 -20.66 -31.20 -17.48
CA ASN A 415 -20.48 -29.88 -18.07
C ASN A 415 -18.98 -29.56 -18.26
N ARG A 416 -18.13 -30.24 -17.50
CA ARG A 416 -16.67 -30.05 -17.61
C ARG A 416 -16.08 -31.04 -18.62
N LYS A 417 -16.95 -31.81 -19.27
CA LYS A 417 -16.55 -32.81 -20.27
C LYS A 417 -15.86 -34.02 -19.64
N LEU A 418 -16.06 -34.20 -18.34
CA LEU A 418 -15.47 -35.32 -17.63
C LEU A 418 -16.53 -36.41 -17.49
N PHE A 419 -17.04 -36.85 -18.63
CA PHE A 419 -18.10 -37.87 -18.69
C PHE A 419 -17.68 -39.19 -18.10
N HIS A 420 -16.38 -39.47 -18.14
CA HIS A 420 -15.85 -40.73 -17.63
C HIS A 420 -15.30 -40.63 -16.23
N ARG A 421 -15.70 -39.57 -15.53
CA ARG A 421 -15.28 -39.36 -14.16
C ARG A 421 -16.42 -39.74 -13.22
N GLU A 422 -16.13 -40.56 -12.21
CA GLU A 422 -17.14 -40.98 -11.22
C GLU A 422 -17.56 -39.78 -10.36
N VAL A 423 -18.84 -39.74 -9.98
CA VAL A 423 -19.35 -38.65 -9.15
C VAL A 423 -18.43 -38.45 -7.95
N ASN A 424 -18.11 -37.19 -7.67
CA ASN A 424 -17.23 -36.83 -6.55
C ASN A 424 -15.75 -37.18 -6.76
N ASP A 425 -15.39 -37.67 -7.94
CA ASP A 425 -13.98 -37.93 -8.20
C ASP A 425 -13.52 -36.63 -8.82
N LEU A 426 -12.97 -35.74 -8.00
CA LEU A 426 -12.55 -34.41 -8.44
C LEU A 426 -11.34 -34.28 -9.36
N GLY A 427 -10.63 -35.39 -9.59
CA GLY A 427 -9.47 -35.30 -10.46
C GLY A 427 -8.20 -34.88 -9.74
N PRO A 428 -7.13 -34.58 -10.49
CA PRO A 428 -5.83 -34.16 -9.95
C PRO A 428 -5.78 -32.72 -9.46
N ILE A 429 -6.62 -32.40 -8.49
CA ILE A 429 -6.67 -31.06 -7.91
C ILE A 429 -5.64 -30.92 -6.79
N TYR A 430 -5.74 -29.81 -6.07
CA TYR A 430 -4.88 -29.46 -4.94
C TYR A 430 -4.06 -30.59 -4.31
N GLY A 431 -4.73 -31.41 -3.49
CA GLY A 431 -4.07 -32.50 -2.81
C GLY A 431 -3.13 -33.32 -3.67
N PHE A 432 -3.65 -33.77 -4.80
CA PHE A 432 -2.88 -34.56 -5.74
C PHE A 432 -1.63 -33.84 -6.26
N GLN A 433 -1.76 -32.55 -6.55
CA GLN A 433 -0.63 -31.78 -7.07
C GLN A 433 0.43 -31.54 -6.00
N TRP A 434 -0.01 -31.42 -4.76
CA TRP A 434 0.88 -31.21 -3.62
C TRP A 434 1.74 -32.44 -3.31
N ARG A 435 1.16 -33.62 -3.49
CA ARG A 435 1.90 -34.83 -3.17
C ARG A 435 2.36 -35.63 -4.39
N HIS A 436 1.76 -35.37 -5.56
CA HIS A 436 2.09 -36.17 -6.75
C HIS A 436 2.18 -35.41 -8.06
N PHE A 437 2.56 -34.14 -8.02
CA PHE A 437 2.64 -33.34 -9.23
C PHE A 437 3.38 -34.11 -10.33
N GLY A 438 2.73 -34.30 -11.46
CA GLY A 438 3.37 -34.99 -12.56
C GLY A 438 2.90 -36.40 -12.80
N ALA A 439 2.36 -37.02 -11.76
CA ALA A 439 1.86 -38.39 -11.88
C ALA A 439 0.64 -38.41 -12.79
N GLU A 440 0.35 -39.57 -13.38
CA GLU A 440 -0.80 -39.72 -14.25
C GLU A 440 -2.02 -39.96 -13.37
N TYR A 441 -3.01 -39.10 -13.43
CA TYR A 441 -4.18 -39.33 -12.60
C TYR A 441 -4.99 -40.45 -13.26
N THR A 442 -5.50 -41.38 -12.45
CA THR A 442 -6.30 -42.47 -12.95
C THR A 442 -7.70 -42.27 -12.36
N ASN A 443 -7.87 -42.58 -11.08
CA ASN A 443 -9.14 -42.37 -10.39
C ASN A 443 -8.80 -42.09 -8.93
N MET A 444 -9.79 -41.63 -8.17
CA MET A 444 -9.59 -41.28 -6.78
C MET A 444 -9.25 -42.41 -5.81
N TYR A 445 -9.26 -43.65 -6.29
CA TYR A 445 -8.97 -44.77 -5.41
C TYR A 445 -7.59 -45.36 -5.61
N ASP A 446 -6.91 -44.95 -6.67
CA ASP A 446 -5.60 -45.51 -6.96
C ASP A 446 -4.60 -45.19 -5.84
N ASN A 447 -3.52 -45.97 -5.82
CA ASN A 447 -2.44 -45.82 -4.86
C ASN A 447 -1.38 -45.02 -5.61
N TYR A 448 -1.19 -43.75 -5.25
CA TYR A 448 -0.22 -42.90 -5.93
C TYR A 448 1.14 -42.80 -5.23
N GLU A 449 1.33 -43.59 -4.18
CA GLU A 449 2.58 -43.55 -3.44
C GLU A 449 3.84 -43.55 -4.32
N ASN A 450 4.74 -42.61 -4.02
CA ASN A 450 6.01 -42.43 -4.73
C ASN A 450 5.90 -42.05 -6.19
N LYS A 451 4.73 -41.57 -6.60
CA LYS A 451 4.53 -41.14 -7.98
C LYS A 451 4.41 -39.63 -7.99
N GLY A 452 5.01 -39.00 -8.99
CA GLY A 452 4.95 -37.55 -9.06
C GLY A 452 5.87 -36.93 -8.03
N VAL A 453 5.97 -35.62 -8.07
CA VAL A 453 6.84 -34.90 -7.14
C VAL A 453 6.12 -34.55 -5.85
N ASP A 454 6.64 -35.00 -4.72
CA ASP A 454 6.03 -34.67 -3.43
C ASP A 454 6.48 -33.27 -3.00
N GLN A 455 5.84 -32.25 -3.55
CA GLN A 455 6.16 -30.85 -3.26
C GLN A 455 6.13 -30.52 -1.77
N LEU A 456 5.11 -31.01 -1.09
CA LEU A 456 4.97 -30.74 0.32
C LEU A 456 6.20 -31.20 1.09
N LYS A 457 6.65 -32.42 0.86
CA LYS A 457 7.83 -32.92 1.54
C LYS A 457 9.04 -32.09 1.16
N ASN A 458 9.12 -31.72 -0.11
CA ASN A 458 10.25 -30.95 -0.58
C ASN A 458 10.34 -29.58 0.10
N ILE A 459 9.23 -28.86 0.19
CA ILE A 459 9.28 -27.54 0.82
C ILE A 459 9.56 -27.64 2.31
N ILE A 460 9.09 -28.71 2.95
CA ILE A 460 9.37 -28.88 4.37
C ILE A 460 10.88 -29.11 4.56
N ASN A 461 11.49 -29.92 3.69
CA ASN A 461 12.93 -30.16 3.78
C ASN A 461 13.76 -28.92 3.45
N LEU A 462 13.27 -28.08 2.54
CA LEU A 462 13.99 -26.87 2.20
C LEU A 462 13.97 -25.90 3.38
N ILE A 463 12.81 -25.77 4.01
CA ILE A 463 12.68 -24.89 5.15
C ILE A 463 13.62 -25.32 6.27
N LYS A 464 13.75 -26.63 6.47
CA LYS A 464 14.59 -27.18 7.52
C LYS A 464 16.09 -27.11 7.24
N ASN A 465 16.48 -27.58 6.07
CA ASN A 465 17.90 -27.65 5.71
C ASN A 465 18.51 -26.55 4.83
N ASP A 466 17.67 -25.73 4.21
CA ASP A 466 18.17 -24.67 3.34
C ASP A 466 17.18 -23.50 3.47
N PRO A 467 16.98 -23.00 4.70
CA PRO A 467 16.07 -21.90 4.99
C PRO A 467 16.17 -20.61 4.18
N THR A 468 17.35 -20.26 3.67
CA THR A 468 17.46 -19.03 2.89
C THR A 468 17.13 -19.23 1.42
N SER A 469 16.70 -20.44 1.07
CA SER A 469 16.36 -20.72 -0.32
C SER A 469 15.24 -19.77 -0.75
N ARG A 470 15.28 -19.38 -2.01
CA ARG A 470 14.31 -18.48 -2.59
C ARG A 470 13.51 -19.31 -3.58
N ARG A 471 13.48 -20.61 -3.32
CA ARG A 471 12.79 -21.55 -4.17
C ARG A 471 11.77 -22.38 -3.41
N ILE A 472 11.43 -21.95 -2.20
CA ILE A 472 10.48 -22.70 -1.41
C ILE A 472 9.05 -22.34 -1.81
N LEU A 473 8.58 -22.96 -2.90
CA LEU A 473 7.23 -22.75 -3.42
C LEU A 473 6.43 -24.03 -3.57
N LEU A 474 5.13 -23.90 -3.36
CA LEU A 474 4.18 -24.99 -3.50
C LEU A 474 3.27 -24.48 -4.63
N CYS A 475 3.09 -25.29 -5.68
CA CYS A 475 2.27 -24.87 -6.82
C CYS A 475 1.20 -25.89 -7.23
N ALA A 476 -0.05 -25.45 -7.26
CA ALA A 476 -1.14 -26.35 -7.63
C ALA A 476 -1.54 -26.15 -9.09
N TRP A 477 -1.03 -25.09 -9.72
CA TRP A 477 -1.37 -24.84 -11.11
C TRP A 477 -0.61 -25.73 -12.08
N ASN A 478 -0.98 -27.00 -12.15
CA ASN A 478 -0.33 -27.91 -13.09
C ASN A 478 -1.04 -27.70 -14.43
N VAL A 479 -0.40 -26.93 -15.30
CA VAL A 479 -0.93 -26.59 -16.62
C VAL A 479 -1.44 -27.76 -17.46
N LYS A 480 -0.81 -28.92 -17.29
CA LYS A 480 -1.18 -30.10 -18.04
C LYS A 480 -2.43 -30.81 -17.54
N ASP A 481 -2.68 -30.71 -16.24
CA ASP A 481 -3.84 -31.38 -15.65
C ASP A 481 -5.06 -30.51 -15.47
N LEU A 482 -4.94 -29.22 -15.79
CA LEU A 482 -6.06 -28.31 -15.60
C LEU A 482 -7.42 -28.89 -16.04
N ASP A 483 -7.53 -29.29 -17.30
CA ASP A 483 -8.81 -29.81 -17.80
C ASP A 483 -9.32 -31.08 -17.14
N GLN A 484 -8.42 -31.82 -16.47
CA GLN A 484 -8.83 -33.05 -15.79
C GLN A 484 -9.36 -32.73 -14.41
N MET A 485 -9.19 -31.48 -13.98
CA MET A 485 -9.64 -31.05 -12.66
C MET A 485 -11.10 -30.62 -12.71
N ALA A 486 -11.88 -30.99 -11.69
CA ALA A 486 -13.28 -30.60 -11.63
C ALA A 486 -13.29 -29.13 -12.04
N LEU A 487 -12.30 -28.40 -11.53
CA LEU A 487 -12.10 -26.99 -11.88
C LEU A 487 -10.68 -26.58 -11.50
N PRO A 488 -10.09 -25.64 -12.24
CA PRO A 488 -8.71 -25.17 -11.98
C PRO A 488 -8.56 -24.59 -10.56
N PRO A 489 -7.36 -24.75 -9.96
CA PRO A 489 -7.17 -24.22 -8.61
C PRO A 489 -7.30 -22.70 -8.52
N CYS A 490 -7.87 -22.23 -7.42
CA CYS A 490 -8.02 -20.81 -7.20
C CYS A 490 -6.79 -20.28 -6.45
N HIS A 491 -6.34 -20.99 -5.40
CA HIS A 491 -5.12 -20.55 -4.72
C HIS A 491 -4.02 -21.28 -5.46
N ILE A 492 -3.37 -20.52 -6.34
CA ILE A 492 -2.33 -20.98 -7.22
C ILE A 492 -1.01 -21.46 -6.62
N LEU A 493 -0.44 -20.68 -5.71
CA LEU A 493 0.85 -21.04 -5.14
C LEU A 493 1.14 -20.39 -3.79
N CYS A 494 2.11 -20.98 -3.10
CA CYS A 494 2.58 -20.54 -1.79
C CYS A 494 4.09 -20.36 -1.89
N GLN A 495 4.61 -19.33 -1.27
CA GLN A 495 6.05 -19.19 -1.24
C GLN A 495 6.37 -18.94 0.21
N PHE A 496 7.36 -19.65 0.73
CA PHE A 496 7.73 -19.47 2.12
C PHE A 496 9.02 -18.69 2.25
N TYR A 497 9.16 -18.03 3.39
CA TYR A 497 10.33 -17.20 3.69
C TYR A 497 10.75 -17.43 5.15
N VAL A 498 12.05 -17.65 5.35
CA VAL A 498 12.57 -17.90 6.69
C VAL A 498 13.65 -16.93 7.14
N PHE A 499 13.49 -16.40 8.35
CA PHE A 499 14.47 -15.51 8.95
C PHE A 499 14.38 -15.49 10.46
N ASP A 500 15.54 -15.64 11.11
CA ASP A 500 15.60 -15.58 12.55
C ASP A 500 14.56 -16.49 13.24
N GLY A 501 14.51 -17.74 12.79
CA GLY A 501 13.57 -18.69 13.37
C GLY A 501 12.09 -18.43 13.12
N LYS A 502 11.79 -17.62 12.12
CA LYS A 502 10.40 -17.29 11.82
C LYS A 502 10.02 -17.56 10.37
N LEU A 503 8.80 -18.07 10.20
CA LEU A 503 8.28 -18.43 8.89
C LEU A 503 7.16 -17.52 8.41
N SER A 504 7.34 -16.96 7.22
CA SER A 504 6.32 -16.11 6.62
C SER A 504 5.89 -16.79 5.33
N CYS A 505 4.66 -16.50 4.91
CA CYS A 505 4.09 -17.12 3.71
C CYS A 505 3.29 -16.18 2.82
N ILE A 506 3.54 -16.27 1.52
CA ILE A 506 2.82 -15.48 0.52
C ILE A 506 2.03 -16.46 -0.33
N MET A 507 0.72 -16.23 -0.46
CA MET A 507 -0.12 -17.09 -1.28
C MET A 507 -0.74 -16.26 -2.38
N TYR A 508 -0.62 -16.72 -3.62
CA TYR A 508 -1.18 -15.98 -4.73
C TYR A 508 -2.50 -16.62 -5.17
N GLN A 509 -3.57 -15.82 -5.19
CA GLN A 509 -4.88 -16.31 -5.59
C GLN A 509 -5.28 -15.68 -6.92
N ARG A 510 -5.47 -16.50 -7.94
CA ARG A 510 -5.83 -16.01 -9.27
C ARG A 510 -7.26 -15.50 -9.35
N SER A 511 -8.17 -16.15 -8.63
CA SER A 511 -9.57 -15.77 -8.64
C SER A 511 -10.10 -15.73 -7.22
N CYS A 512 -10.71 -14.61 -6.84
CA CYS A 512 -11.17 -14.47 -5.48
C CYS A 512 -12.60 -13.99 -5.33
N ASP A 513 -13.38 -14.80 -4.63
CA ASP A 513 -14.78 -14.48 -4.34
C ASP A 513 -14.72 -13.77 -2.98
N LEU A 514 -14.67 -12.45 -3.00
CA LEU A 514 -14.57 -11.66 -1.79
C LEU A 514 -15.66 -11.95 -0.76
N GLY A 515 -16.88 -12.17 -1.24
CA GLY A 515 -17.99 -12.44 -0.34
C GLY A 515 -17.93 -13.75 0.43
N LEU A 516 -17.71 -14.86 -0.27
CA LEU A 516 -17.68 -16.16 0.39
C LEU A 516 -16.33 -16.86 0.46
N GLY A 517 -15.57 -16.80 -0.62
CA GLY A 517 -14.28 -17.48 -0.66
C GLY A 517 -13.19 -16.95 0.25
N VAL A 518 -12.78 -15.71 0.01
CA VAL A 518 -11.71 -15.08 0.76
C VAL A 518 -11.71 -15.22 2.28
N PRO A 519 -12.85 -15.01 2.96
CA PRO A 519 -12.77 -15.17 4.41
C PRO A 519 -12.21 -16.53 4.82
N PHE A 520 -12.62 -17.59 4.12
CA PHE A 520 -12.16 -18.95 4.42
C PHE A 520 -10.70 -19.20 3.98
N ASN A 521 -10.30 -18.60 2.86
CA ASN A 521 -8.94 -18.75 2.36
C ASN A 521 -7.92 -18.13 3.33
N ILE A 522 -8.27 -16.97 3.88
CA ILE A 522 -7.37 -16.31 4.83
C ILE A 522 -7.15 -17.27 5.99
N ALA A 523 -8.25 -17.80 6.53
CA ALA A 523 -8.16 -18.75 7.64
C ALA A 523 -7.34 -19.99 7.30
N SER A 524 -7.61 -20.56 6.12
CA SER A 524 -6.93 -21.76 5.66
C SER A 524 -5.42 -21.67 5.65
N TYR A 525 -4.88 -20.71 4.89
CA TYR A 525 -3.44 -20.57 4.82
C TYR A 525 -2.79 -20.12 6.11
N SER A 526 -3.53 -19.42 6.97
CA SER A 526 -2.99 -19.00 8.25
C SER A 526 -2.75 -20.25 9.08
N ILE A 527 -3.71 -21.17 9.05
CA ILE A 527 -3.57 -22.43 9.77
C ILE A 527 -2.41 -23.24 9.17
N PHE A 528 -2.32 -23.25 7.84
CA PHE A 528 -1.27 -23.99 7.14
C PHE A 528 0.12 -23.45 7.48
N THR A 529 0.24 -22.14 7.61
CA THR A 529 1.52 -21.54 7.95
C THR A 529 1.91 -21.98 9.37
N HIS A 530 0.92 -22.04 10.26
CA HIS A 530 1.14 -22.49 11.63
C HIS A 530 1.66 -23.93 11.59
N MET A 531 0.93 -24.79 10.87
CA MET A 531 1.32 -26.19 10.76
C MET A 531 2.73 -26.38 10.21
N ILE A 532 3.04 -25.76 9.07
CA ILE A 532 4.37 -25.87 8.48
C ILE A 532 5.41 -25.34 9.46
N ALA A 533 5.15 -24.17 10.02
CA ALA A 533 6.09 -23.57 10.96
C ALA A 533 6.39 -24.53 12.11
N GLN A 534 5.34 -25.12 12.68
CA GLN A 534 5.52 -26.02 13.80
C GLN A 534 6.36 -27.25 13.49
N VAL A 535 6.00 -27.99 12.45
CA VAL A 535 6.74 -29.19 12.09
C VAL A 535 8.17 -28.86 11.64
N CYS A 536 8.48 -27.58 11.53
CA CYS A 536 9.82 -27.15 11.14
C CYS A 536 10.52 -26.40 12.27
N ASN A 537 9.93 -26.40 13.45
CA ASN A 537 10.49 -25.73 14.63
C ASN A 537 10.76 -24.24 14.42
N LEU A 538 9.78 -23.56 13.83
CA LEU A 538 9.87 -22.13 13.59
C LEU A 538 8.62 -21.53 14.20
N GLN A 539 8.59 -20.21 14.32
CA GLN A 539 7.41 -19.52 14.84
C GLN A 539 6.74 -18.86 13.64
N PRO A 540 5.39 -18.93 13.55
CA PRO A 540 4.77 -18.28 12.40
C PRO A 540 4.87 -16.76 12.47
N ALA A 541 5.02 -16.12 11.31
CA ALA A 541 5.11 -14.68 11.26
C ALA A 541 4.01 -14.04 10.41
N GLN A 542 4.35 -13.63 9.19
CA GLN A 542 3.39 -12.99 8.30
C GLN A 542 2.72 -13.88 7.27
N PHE A 543 1.41 -13.76 7.14
CA PHE A 543 0.71 -14.48 6.08
C PHE A 543 0.37 -13.33 5.14
N ILE A 544 0.89 -13.38 3.92
CA ILE A 544 0.65 -12.34 2.93
C ILE A 544 -0.23 -12.94 1.84
N HIS A 545 -1.40 -12.34 1.64
CA HIS A 545 -2.39 -12.83 0.67
C HIS A 545 -2.43 -11.91 -0.54
N VAL A 546 -2.12 -12.45 -1.71
CA VAL A 546 -2.13 -11.67 -2.93
C VAL A 546 -3.30 -12.07 -3.82
N LEU A 547 -4.18 -11.12 -4.10
CA LEU A 547 -5.35 -11.38 -4.92
C LEU A 547 -5.20 -10.91 -6.37
N GLY A 548 -5.54 -11.78 -7.32
CA GLY A 548 -5.46 -11.41 -8.72
C GLY A 548 -6.81 -10.82 -9.09
N ASN A 549 -7.69 -11.64 -9.66
CA ASN A 549 -9.02 -11.18 -10.02
C ASN A 549 -9.87 -11.23 -8.78
N ALA A 550 -10.17 -10.06 -8.22
CA ALA A 550 -10.97 -9.96 -7.00
C ALA A 550 -12.35 -9.45 -7.38
N HIS A 551 -13.37 -10.22 -7.04
CA HIS A 551 -14.72 -9.83 -7.38
C HIS A 551 -15.74 -10.04 -6.28
N VAL A 552 -16.86 -9.35 -6.41
CA VAL A 552 -17.97 -9.46 -5.48
C VAL A 552 -19.20 -9.77 -6.33
N TYR A 553 -19.81 -10.92 -6.07
CA TYR A 553 -21.02 -11.30 -6.80
C TYR A 553 -22.10 -10.29 -6.46
N ASN A 554 -22.84 -9.85 -7.48
CA ASN A 554 -23.90 -8.86 -7.26
C ASN A 554 -24.93 -9.33 -6.24
N ASN A 555 -25.19 -10.63 -6.18
CA ASN A 555 -26.17 -11.14 -5.22
C ASN A 555 -25.67 -11.07 -3.77
N HIS A 556 -24.41 -10.68 -3.58
CA HIS A 556 -23.82 -10.58 -2.24
C HIS A 556 -23.77 -9.15 -1.72
N ILE A 557 -23.92 -8.18 -2.62
CA ILE A 557 -23.81 -6.78 -2.25
C ILE A 557 -24.56 -6.26 -1.03
N ASP A 558 -25.82 -6.67 -0.83
CA ASP A 558 -26.57 -6.17 0.33
C ASP A 558 -26.07 -6.76 1.64
N SER A 559 -25.71 -8.04 1.61
CA SER A 559 -25.19 -8.69 2.80
C SER A 559 -23.84 -8.03 3.17
N LEU A 560 -23.03 -7.72 2.16
CA LEU A 560 -21.73 -7.10 2.42
C LEU A 560 -21.90 -5.66 2.88
N LYS A 561 -22.98 -5.00 2.45
CA LYS A 561 -23.24 -3.63 2.88
C LYS A 561 -23.46 -3.67 4.39
N ILE A 562 -24.10 -4.73 4.86
CA ILE A 562 -24.37 -4.93 6.27
C ILE A 562 -23.09 -5.25 7.04
N GLN A 563 -22.21 -6.07 6.46
CA GLN A 563 -20.97 -6.43 7.13
C GLN A 563 -20.06 -5.22 7.31
N LEU A 564 -19.93 -4.42 6.26
CA LEU A 564 -19.09 -3.24 6.29
C LEU A 564 -19.43 -2.23 7.39
N ASN A 565 -20.63 -2.33 7.96
CA ASN A 565 -21.02 -1.40 9.02
C ASN A 565 -20.90 -2.03 10.40
N ARG A 566 -20.28 -3.19 10.45
CA ARG A 566 -20.06 -3.85 11.72
C ARG A 566 -18.59 -3.61 12.11
N ILE A 567 -18.37 -3.34 13.38
CA ILE A 567 -17.03 -3.08 13.88
C ILE A 567 -16.39 -4.39 14.32
N PRO A 568 -15.16 -4.65 13.85
CA PRO A 568 -14.45 -5.88 14.21
C PRO A 568 -14.18 -5.97 15.71
N TYR A 569 -14.02 -7.19 16.20
CA TYR A 569 -13.71 -7.45 17.60
C TYR A 569 -12.28 -7.98 17.57
N PRO A 570 -11.58 -7.94 18.71
CA PRO A 570 -10.21 -8.46 18.68
C PRO A 570 -10.25 -9.91 18.22
N PHE A 571 -9.29 -10.28 17.38
CA PHE A 571 -9.19 -11.63 16.84
C PHE A 571 -9.00 -12.70 17.90
N PRO A 572 -9.30 -13.95 17.53
CA PRO A 572 -9.14 -15.10 18.42
C PRO A 572 -7.71 -15.56 18.23
N THR A 573 -7.36 -16.70 18.83
CA THR A 573 -6.02 -17.22 18.65
C THR A 573 -6.16 -18.71 18.28
N LEU A 574 -5.15 -19.23 17.58
CA LEU A 574 -5.16 -20.62 17.16
C LEU A 574 -4.12 -21.42 17.92
N LYS A 575 -4.54 -22.54 18.50
CA LYS A 575 -3.61 -23.40 19.23
C LYS A 575 -3.52 -24.80 18.63
N LEU A 576 -2.28 -25.23 18.37
CA LEU A 576 -2.01 -26.53 17.79
C LEU A 576 -1.38 -27.48 18.79
N ASN A 577 -1.79 -28.73 18.77
CA ASN A 577 -1.23 -29.73 19.65
C ASN A 577 0.27 -29.62 19.41
N PRO A 578 1.05 -29.29 20.44
CA PRO A 578 2.50 -29.15 20.27
C PRO A 578 3.25 -30.46 20.03
N ASP A 579 2.61 -31.59 20.34
CA ASP A 579 3.26 -32.87 20.15
C ASP A 579 3.35 -33.33 18.69
N ILE A 580 2.63 -32.66 17.80
CA ILE A 580 2.65 -33.02 16.38
C ILE A 580 3.89 -32.45 15.69
N LYS A 581 4.77 -33.32 15.22
CA LYS A 581 5.99 -32.87 14.55
C LYS A 581 6.13 -33.23 13.07
N ASN A 582 5.15 -33.94 12.52
CA ASN A 582 5.19 -34.28 11.10
C ASN A 582 3.90 -33.72 10.50
N ILE A 583 4.03 -33.09 9.34
CA ILE A 583 2.90 -32.46 8.65
C ILE A 583 1.70 -33.38 8.41
N GLU A 584 1.96 -34.66 8.20
CA GLU A 584 0.91 -35.63 7.93
C GLU A 584 0.21 -36.21 9.16
N ASP A 585 0.74 -35.88 10.34
CA ASP A 585 0.19 -36.41 11.60
C ASP A 585 -0.87 -35.58 12.30
N PHE A 586 -1.40 -34.56 11.64
CA PHE A 586 -2.41 -33.73 12.27
C PHE A 586 -3.81 -34.29 12.13
N THR A 587 -4.61 -34.14 13.18
CA THR A 587 -5.99 -34.60 13.18
C THR A 587 -6.85 -33.41 13.63
N ILE A 588 -8.13 -33.42 13.26
CA ILE A 588 -9.04 -32.34 13.59
C ILE A 588 -9.00 -31.86 15.04
N SER A 589 -8.76 -32.77 15.97
CA SER A 589 -8.73 -32.46 17.39
C SER A 589 -7.45 -31.76 17.85
N ASP A 590 -6.45 -31.69 16.98
CA ASP A 590 -5.20 -31.02 17.34
C ASP A 590 -5.32 -29.50 17.15
N PHE A 591 -6.50 -29.06 16.72
CA PHE A 591 -6.77 -27.65 16.46
C PHE A 591 -7.84 -27.04 17.36
N THR A 592 -7.51 -25.92 18.01
CA THR A 592 -8.48 -25.23 18.85
C THR A 592 -8.42 -23.72 18.63
N ILE A 593 -9.58 -23.14 18.41
CA ILE A 593 -9.71 -21.70 18.23
C ILE A 593 -10.23 -21.17 19.55
N GLN A 594 -9.53 -20.21 20.13
CA GLN A 594 -9.95 -19.65 21.40
C GLN A 594 -10.35 -18.18 21.35
N ASN A 595 -11.32 -17.84 22.17
CA ASN A 595 -11.80 -16.47 22.27
C ASN A 595 -12.25 -15.87 20.95
N TYR A 596 -13.05 -16.61 20.20
CA TYR A 596 -13.54 -16.07 18.95
C TYR A 596 -14.81 -15.28 19.26
N VAL A 597 -14.67 -13.97 19.33
CA VAL A 597 -15.81 -13.09 19.58
C VAL A 597 -16.17 -12.64 18.17
N HIS A 598 -17.43 -12.79 17.80
CA HIS A 598 -17.83 -12.44 16.44
C HIS A 598 -19.26 -11.94 16.33
N HIS A 599 -19.52 -11.27 15.22
CA HIS A 599 -20.85 -10.77 14.93
C HIS A 599 -21.65 -11.97 14.43
N GLU A 600 -22.92 -11.70 14.16
CA GLU A 600 -23.89 -12.69 13.69
C GLU A 600 -23.61 -13.28 12.32
N LYS A 601 -24.01 -14.53 12.13
CA LYS A 601 -23.83 -15.24 10.86
C LYS A 601 -24.54 -14.43 9.78
N ILE A 602 -23.99 -14.42 8.57
CA ILE A 602 -24.63 -13.69 7.49
C ILE A 602 -24.85 -14.58 6.28
N SER A 603 -26.07 -14.57 5.76
CA SER A 603 -26.37 -15.33 4.55
C SER A 603 -25.96 -14.34 3.48
N MET A 604 -24.91 -14.64 2.74
CA MET A 604 -24.47 -13.73 1.71
C MET A 604 -25.57 -13.60 0.67
N ASP A 605 -26.42 -14.61 0.62
CA ASP A 605 -27.52 -14.66 -0.33
C ASP A 605 -28.83 -13.96 0.01
N MET A 606 -29.51 -13.59 -1.08
CA MET A 606 -30.82 -12.94 -1.08
C MET A 606 -31.73 -13.39 0.05
N MET B 1 16.81 42.63 8.73
CA MET B 1 16.65 42.83 7.27
C MET B 1 16.62 41.50 6.54
N MET B 2 16.70 40.42 7.32
CA MET B 2 16.66 39.06 6.80
C MET B 2 15.18 38.71 6.61
N GLU B 3 14.40 39.72 6.23
CA GLU B 3 12.97 39.60 5.96
C GLU B 3 12.88 39.84 4.46
N GLN B 4 13.04 38.76 3.70
CA GLN B 4 13.05 38.81 2.23
C GLN B 4 11.77 39.15 1.47
N VAL B 5 11.96 39.80 0.32
CA VAL B 5 10.89 40.26 -0.55
C VAL B 5 10.03 39.17 -1.20
N CYS B 6 10.66 38.23 -1.89
CA CYS B 6 9.90 37.16 -2.55
C CYS B 6 9.18 36.33 -1.50
N ASP B 7 9.64 36.43 -0.26
CA ASP B 7 9.04 35.71 0.84
C ASP B 7 7.85 36.50 1.37
N VAL B 8 8.01 37.82 1.37
CA VAL B 8 6.98 38.72 1.84
C VAL B 8 5.79 38.76 0.88
N PHE B 9 6.09 38.85 -0.42
CA PHE B 9 5.05 38.92 -1.43
C PHE B 9 4.68 37.61 -2.11
N ASP B 10 5.33 36.52 -1.70
CA ASP B 10 5.07 35.20 -2.24
C ASP B 10 5.05 35.17 -3.77
N ILE B 11 6.22 35.41 -4.34
CA ILE B 11 6.37 35.43 -5.79
C ILE B 11 6.97 34.10 -6.26
N TYR B 12 6.24 33.43 -7.13
CA TYR B 12 6.68 32.15 -7.67
C TYR B 12 6.74 32.24 -9.18
N ALA B 13 7.53 31.36 -9.78
CA ALA B 13 7.64 31.30 -11.22
C ALA B 13 7.08 29.96 -11.64
N ILE B 14 6.19 29.98 -12.64
CA ILE B 14 5.60 28.74 -13.14
C ILE B 14 5.87 28.71 -14.63
N CYS B 15 6.43 27.61 -15.11
CA CYS B 15 6.74 27.48 -16.53
C CYS B 15 6.59 26.05 -17.02
N ALA B 16 6.85 25.87 -18.30
CA ALA B 16 6.77 24.58 -18.97
C ALA B 16 7.87 24.57 -20.04
N CYS B 17 8.87 23.72 -19.86
CA CYS B 17 9.97 23.64 -20.81
C CYS B 17 10.10 22.27 -21.45
N CYS B 18 10.27 22.26 -22.77
CA CYS B 18 10.42 21.03 -23.52
C CYS B 18 11.90 20.85 -23.85
N LYS B 19 12.21 19.83 -24.66
CA LYS B 19 13.58 19.58 -25.05
C LYS B 19 13.88 20.31 -26.36
N VAL B 20 15.12 20.74 -26.53
CA VAL B 20 15.53 21.46 -27.72
C VAL B 20 16.50 20.62 -28.56
N GLU B 21 16.40 20.75 -29.88
CA GLU B 21 17.27 20.00 -30.79
C GLU B 21 18.73 20.10 -30.36
N SER B 22 19.35 18.95 -30.09
CA SER B 22 20.74 18.89 -29.64
C SER B 22 21.77 19.43 -30.64
N LYS B 23 21.28 20.26 -31.57
CA LYS B 23 22.11 20.93 -32.56
C LYS B 23 22.87 20.14 -33.64
N ASN B 24 22.30 19.03 -34.09
CA ASN B 24 22.96 18.23 -35.13
C ASN B 24 24.34 17.74 -34.73
N GLU B 25 25.03 18.51 -33.90
CA GLU B 25 26.38 18.18 -33.47
C GLU B 25 26.66 18.24 -31.98
N GLY B 26 26.38 17.14 -31.28
CA GLY B 26 26.66 17.04 -29.87
C GLY B 26 27.67 15.91 -29.87
N LYS B 27 28.51 15.74 -28.85
CA LYS B 27 29.45 14.65 -28.97
C LYS B 27 28.81 13.28 -28.70
N LYS B 28 29.40 12.42 -27.91
CA LYS B 28 28.90 11.07 -27.69
C LYS B 28 27.48 10.97 -27.14
N ASN B 29 27.26 9.87 -26.43
CA ASN B 29 25.99 9.57 -25.81
C ASN B 29 25.49 10.79 -25.05
N GLU B 30 24.63 11.54 -25.74
CA GLU B 30 24.04 12.74 -25.18
C GLU B 30 23.92 12.60 -23.67
N VAL B 31 24.41 13.61 -22.97
CA VAL B 31 24.35 13.62 -21.54
C VAL B 31 23.11 14.41 -21.14
N PHE B 32 22.42 13.96 -20.10
CA PHE B 32 21.21 14.63 -19.66
C PHE B 32 21.29 15.23 -18.25
N ASN B 33 20.52 16.29 -18.05
CA ASN B 33 20.42 16.98 -16.77
C ASN B 33 19.15 17.82 -16.77
N ASN B 34 18.89 18.49 -15.65
CA ASN B 34 17.69 19.31 -15.55
C ASN B 34 17.65 20.36 -16.66
N TYR B 35 18.82 20.83 -17.07
CA TYR B 35 18.90 21.83 -18.12
C TYR B 35 18.48 21.28 -19.49
N THR B 36 18.22 19.98 -19.55
CA THR B 36 17.79 19.35 -20.79
C THR B 36 16.42 19.90 -21.18
N PHE B 37 15.55 20.09 -20.19
CA PHE B 37 14.22 20.63 -20.42
C PHE B 37 14.31 22.14 -20.27
N ARG B 38 14.50 22.85 -21.38
CA ARG B 38 14.64 24.31 -21.30
C ARG B 38 13.90 25.14 -22.36
N GLY B 39 13.34 24.50 -23.38
CA GLY B 39 12.64 25.26 -24.40
C GLY B 39 11.35 25.90 -23.93
N LEU B 40 11.23 27.21 -24.11
CA LEU B 40 10.03 27.95 -23.71
C LEU B 40 9.14 28.35 -24.87
N GLY B 41 9.74 28.95 -25.89
CA GLY B 41 8.97 29.37 -27.05
C GLY B 41 9.74 29.40 -28.35
N ASN B 42 9.03 29.60 -29.44
CA ASN B 42 9.65 29.65 -30.76
C ASN B 42 8.86 30.63 -31.63
N LYS B 43 9.49 31.76 -31.97
CA LYS B 43 8.85 32.76 -32.81
C LYS B 43 7.61 33.38 -32.16
N GLY B 44 7.78 33.89 -30.94
CA GLY B 44 6.67 34.51 -30.23
C GLY B 44 5.51 33.61 -29.84
N VAL B 45 5.65 32.32 -30.08
CA VAL B 45 4.60 31.36 -29.73
C VAL B 45 5.16 30.16 -28.99
N LEU B 46 4.26 29.30 -28.51
CA LEU B 46 4.68 28.10 -27.82
C LEU B 46 5.27 27.15 -28.85
N PRO B 47 6.32 26.39 -28.46
CA PRO B 47 6.98 25.45 -29.36
C PRO B 47 6.14 24.23 -29.75
N TRP B 48 5.03 24.02 -29.05
CA TRP B 48 4.19 22.87 -29.31
C TRP B 48 2.75 23.22 -29.65
N LYS B 49 2.12 22.38 -30.47
CA LYS B 49 0.74 22.57 -30.89
C LYS B 49 -0.18 22.87 -29.71
N CYS B 50 -0.16 22.00 -28.71
CA CYS B 50 -1.01 22.14 -27.54
C CYS B 50 -0.75 20.98 -26.57
N ILE B 51 -0.85 21.28 -25.27
CA ILE B 51 -0.65 20.27 -24.22
C ILE B 51 -1.65 20.58 -23.13
N SER B 52 -2.85 20.04 -23.30
CA SER B 52 -3.96 20.29 -22.39
C SER B 52 -3.78 20.00 -20.90
N LEU B 53 -3.00 19.00 -20.52
CA LEU B 53 -2.85 18.70 -19.11
C LEU B 53 -2.03 19.76 -18.36
N ASP B 54 -1.05 20.33 -19.05
CA ASP B 54 -0.23 21.38 -18.44
C ASP B 54 -1.08 22.63 -18.31
N MET B 55 -1.97 22.82 -19.29
CA MET B 55 -2.88 23.95 -19.30
C MET B 55 -3.81 23.84 -18.09
N LYS B 56 -4.28 22.63 -17.84
CA LYS B 56 -5.17 22.37 -16.73
C LYS B 56 -4.43 22.59 -15.41
N TYR B 57 -3.17 22.16 -15.37
CA TYR B 57 -2.33 22.30 -14.19
C TYR B 57 -2.04 23.78 -13.94
N PHE B 58 -1.48 24.43 -14.96
CA PHE B 58 -1.14 25.83 -14.89
C PHE B 58 -2.32 26.64 -14.39
N ARG B 59 -3.43 26.56 -15.12
CA ARG B 59 -4.64 27.29 -14.75
C ARG B 59 -5.05 27.00 -13.31
N ALA B 60 -5.01 25.73 -12.92
CA ALA B 60 -5.40 25.34 -11.58
C ALA B 60 -4.47 25.88 -10.50
N VAL B 61 -3.16 25.89 -10.76
CA VAL B 61 -2.18 26.40 -9.79
C VAL B 61 -2.30 27.91 -9.61
N THR B 62 -2.20 28.64 -10.72
CA THR B 62 -2.25 30.09 -10.69
C THR B 62 -3.59 30.70 -10.28
N THR B 63 -4.67 29.93 -10.24
CA THR B 63 -5.94 30.50 -9.82
C THR B 63 -6.36 30.07 -8.41
N TYR B 64 -5.88 28.92 -7.96
CA TYR B 64 -6.22 28.44 -6.63
C TYR B 64 -5.81 29.43 -5.55
N VAL B 65 -6.63 29.51 -4.50
CA VAL B 65 -6.39 30.43 -3.39
C VAL B 65 -7.01 29.88 -2.11
N ASN B 66 -6.36 30.11 -0.97
CA ASN B 66 -6.92 29.65 0.29
C ASN B 66 -7.21 30.87 1.15
N GLU B 67 -8.48 31.25 1.23
CA GLU B 67 -8.89 32.41 1.98
C GLU B 67 -8.60 32.35 3.47
N SER B 68 -8.78 31.18 4.08
CA SER B 68 -8.52 31.03 5.51
C SER B 68 -7.04 30.88 5.85
N LYS B 69 -6.18 31.34 4.95
CA LYS B 69 -4.74 31.28 5.16
C LYS B 69 -4.13 32.58 4.66
N TYR B 70 -5.00 33.51 4.29
CA TYR B 70 -4.56 34.81 3.78
C TYR B 70 -4.20 35.83 4.85
N GLU B 71 -5.07 36.02 5.83
CA GLU B 71 -4.83 36.98 6.89
C GLU B 71 -3.36 36.94 7.33
N LYS B 72 -2.84 35.73 7.43
CA LYS B 72 -1.45 35.48 7.84
C LYS B 72 -0.44 36.18 6.92
N LEU B 73 -0.71 36.13 5.61
CA LEU B 73 0.15 36.74 4.59
C LEU B 73 0.01 38.26 4.61
N LYS B 74 -1.25 38.71 4.71
CA LYS B 74 -1.63 40.11 4.76
C LYS B 74 -1.04 40.75 6.02
N TYR B 75 -0.98 39.94 7.08
CA TYR B 75 -0.44 40.35 8.38
C TYR B 75 1.06 40.62 8.18
N LYS B 76 1.71 39.69 7.50
CA LYS B 76 3.14 39.75 7.21
C LYS B 76 3.51 40.93 6.28
N ARG B 77 2.70 41.13 5.24
CA ARG B 77 2.94 42.18 4.26
C ARG B 77 2.89 43.61 4.76
N CYS B 78 1.90 43.93 5.58
CA CYS B 78 1.79 45.28 6.11
C CYS B 78 2.88 45.49 7.15
N LYS B 79 3.01 44.54 8.07
CA LYS B 79 4.01 44.59 9.13
C LYS B 79 5.40 44.92 8.53
N TYR B 80 5.55 44.68 7.23
CA TYR B 80 6.80 44.90 6.50
C TYR B 80 6.89 46.25 5.76
N LEU B 81 5.79 46.69 5.16
CA LEU B 81 5.74 47.96 4.43
C LEU B 81 5.15 48.96 5.40
N ASN B 82 4.97 48.48 6.62
CA ASN B 82 4.35 49.18 7.72
C ASN B 82 3.13 50.03 7.41
N LYS B 83 2.11 49.22 7.16
CA LYS B 83 0.74 49.55 6.85
C LYS B 83 0.02 48.93 8.02
N ASN B 94 -13.24 45.22 -0.54
CA ASN B 94 -12.90 46.02 -1.75
C ASN B 94 -13.55 45.38 -2.98
N SER B 95 -13.56 44.05 -2.97
CA SER B 95 -14.16 43.21 -4.01
C SER B 95 -14.44 41.98 -3.16
N LYS B 96 -13.35 41.42 -2.64
CA LYS B 96 -13.32 40.28 -1.75
C LYS B 96 -13.20 38.89 -2.32
N LYS B 97 -13.20 38.74 -3.64
CA LYS B 97 -12.98 37.40 -4.13
C LYS B 97 -11.46 37.43 -4.20
N LEU B 98 -10.84 36.89 -3.15
CA LEU B 98 -9.39 36.86 -3.04
C LEU B 98 -8.88 36.08 -4.25
N GLN B 99 -7.86 36.61 -4.90
CA GLN B 99 -7.30 35.97 -6.07
C GLN B 99 -5.80 36.00 -6.08
N ASN B 100 -5.22 35.72 -7.25
CA ASN B 100 -3.77 35.71 -7.40
C ASN B 100 -3.31 36.72 -8.43
N VAL B 101 -2.03 37.08 -8.33
CA VAL B 101 -1.45 38.01 -9.27
C VAL B 101 -0.65 37.18 -10.26
N VAL B 102 -0.99 37.31 -11.54
CA VAL B 102 -0.28 36.60 -12.58
C VAL B 102 0.46 37.64 -13.43
N VAL B 103 1.78 37.66 -13.28
CA VAL B 103 2.64 38.62 -13.98
C VAL B 103 3.20 38.09 -15.32
N MET B 104 3.18 38.95 -16.33
CA MET B 104 3.66 38.57 -17.66
C MET B 104 4.51 39.65 -18.33
N GLY B 105 5.04 39.31 -19.51
CA GLY B 105 5.83 40.24 -20.28
C GLY B 105 4.94 40.67 -21.44
N ARG B 106 5.40 41.60 -22.27
CA ARG B 106 4.57 42.04 -23.39
C ARG B 106 4.40 40.85 -24.35
N THR B 107 5.52 40.38 -24.90
CA THR B 107 5.52 39.25 -25.81
C THR B 107 4.57 38.18 -25.30
N ASN B 108 4.81 37.75 -24.06
CA ASN B 108 4.00 36.72 -23.42
C ASN B 108 2.52 37.05 -23.53
N TRP B 109 2.12 38.19 -22.98
CA TRP B 109 0.72 38.62 -23.01
C TRP B 109 0.16 38.70 -24.44
N GLU B 110 0.98 39.20 -25.36
CA GLU B 110 0.58 39.34 -26.74
C GLU B 110 0.26 37.99 -27.38
N SER B 111 1.18 37.03 -27.21
CA SER B 111 1.02 35.70 -27.79
C SER B 111 -0.06 34.83 -27.16
N ILE B 112 -0.82 35.38 -26.22
CA ILE B 112 -1.90 34.61 -25.62
C ILE B 112 -3.14 34.87 -26.47
N PRO B 113 -3.84 33.80 -26.87
CA PRO B 113 -5.03 33.91 -27.70
C PRO B 113 -6.14 34.79 -27.12
N LYS B 114 -6.77 35.54 -28.02
CA LYS B 114 -7.86 36.47 -27.72
C LYS B 114 -8.76 36.06 -26.54
N LYS B 115 -9.61 35.07 -26.80
CA LYS B 115 -10.59 34.53 -25.86
C LYS B 115 -10.19 34.29 -24.39
N PHE B 116 -8.89 34.21 -24.11
CA PHE B 116 -8.45 33.94 -22.75
C PHE B 116 -8.11 35.12 -21.84
N LYS B 117 -7.94 36.31 -22.41
CA LYS B 117 -7.60 37.49 -21.62
C LYS B 117 -8.83 38.32 -21.26
N PRO B 118 -8.89 38.82 -20.02
CA PRO B 118 -7.87 38.65 -18.97
C PRO B 118 -8.00 37.24 -18.40
N LEU B 119 -6.89 36.68 -17.94
CA LEU B 119 -6.92 35.33 -17.38
C LEU B 119 -7.96 35.26 -16.26
N SER B 120 -8.98 34.45 -16.49
CA SER B 120 -10.07 34.26 -15.55
C SER B 120 -9.64 34.11 -14.09
N ASN B 121 -10.35 34.83 -13.21
CA ASN B 121 -10.09 34.81 -11.77
C ASN B 121 -8.66 35.17 -11.38
N ARG B 122 -8.02 36.04 -12.15
CA ARG B 122 -6.66 36.42 -11.86
C ARG B 122 -6.35 37.89 -12.14
N ILE B 123 -5.61 38.52 -11.24
CA ILE B 123 -5.22 39.91 -11.37
C ILE B 123 -4.12 39.98 -12.44
N ASN B 124 -4.54 40.27 -13.67
CA ASN B 124 -3.61 40.34 -14.80
C ASN B 124 -2.71 41.57 -14.76
N VAL B 125 -1.40 41.33 -14.84
CA VAL B 125 -0.39 42.38 -14.81
C VAL B 125 0.55 42.21 -16.01
N ILE B 126 1.04 43.32 -16.56
CA ILE B 126 1.90 43.24 -17.75
C ILE B 126 3.13 44.16 -17.77
N LEU B 127 4.31 43.57 -17.85
CA LEU B 127 5.57 44.33 -17.89
C LEU B 127 6.00 44.69 -19.31
N SER B 128 5.79 45.96 -19.67
CA SER B 128 6.18 46.48 -20.97
C SER B 128 6.71 47.89 -20.75
N ARG B 129 7.61 48.34 -21.61
CA ARG B 129 8.16 49.69 -21.47
C ARG B 129 7.47 50.63 -22.47
N THR B 130 6.57 50.07 -23.29
CA THR B 130 5.87 50.86 -24.29
C THR B 130 4.34 50.79 -24.23
N LEU B 131 3.80 49.94 -23.36
CA LEU B 131 2.35 49.81 -23.25
C LEU B 131 1.80 50.81 -22.24
N LYS B 132 0.63 51.39 -22.53
CA LYS B 132 0.04 52.36 -21.62
C LYS B 132 -1.34 51.98 -21.06
N LYS B 133 -1.44 52.11 -19.74
CA LYS B 133 -2.63 51.80 -18.94
C LYS B 133 -3.97 52.38 -19.41
N GLU B 134 -3.93 53.27 -20.39
CA GLU B 134 -5.16 53.90 -20.90
C GLU B 134 -5.93 53.16 -21.98
N ASP B 135 -5.24 52.63 -22.99
CA ASP B 135 -5.92 51.89 -24.04
C ASP B 135 -6.18 50.48 -23.49
N PHE B 136 -6.00 50.39 -22.18
CA PHE B 136 -6.22 49.18 -21.40
C PHE B 136 -7.37 49.51 -20.47
N ASP B 137 -7.63 48.62 -19.53
CA ASP B 137 -8.67 48.83 -18.54
C ASP B 137 -7.90 49.33 -17.33
N GLU B 138 -8.45 49.06 -16.15
CA GLU B 138 -7.81 49.42 -14.89
C GLU B 138 -7.62 48.04 -14.26
N ASP B 139 -8.60 47.18 -14.51
CA ASP B 139 -8.61 45.80 -14.04
C ASP B 139 -7.25 45.18 -14.32
N VAL B 140 -6.74 45.45 -15.52
CA VAL B 140 -5.47 44.94 -15.98
C VAL B 140 -4.38 45.99 -15.81
N TYR B 141 -3.58 45.83 -14.77
CA TYR B 141 -2.51 46.77 -14.46
C TYR B 141 -1.31 46.65 -15.40
N ILE B 142 -0.53 47.71 -15.49
CA ILE B 142 0.68 47.74 -16.32
C ILE B 142 1.80 48.39 -15.52
N ILE B 143 3.02 47.89 -15.66
CA ILE B 143 4.16 48.44 -14.92
C ILE B 143 5.35 48.89 -15.77
N ASN B 144 6.26 49.61 -15.13
CA ASN B 144 7.47 50.15 -15.78
C ASN B 144 8.66 49.22 -15.83
N LYS B 145 9.08 48.74 -14.66
CA LYS B 145 10.19 47.80 -14.56
C LYS B 145 9.94 46.92 -13.35
N VAL B 146 10.85 45.97 -13.12
CA VAL B 146 10.71 45.04 -12.00
C VAL B 146 10.21 45.67 -10.71
N GLU B 147 10.87 46.72 -10.28
CA GLU B 147 10.54 47.38 -9.02
C GLU B 147 9.18 48.06 -8.85
N ASP B 148 8.54 48.46 -9.94
CA ASP B 148 7.22 49.09 -9.80
C ASP B 148 6.14 48.02 -9.63
N LEU B 149 6.58 46.78 -9.41
CA LEU B 149 5.69 45.64 -9.20
C LEU B 149 5.50 45.44 -7.71
N ILE B 150 6.62 45.37 -6.98
CA ILE B 150 6.59 45.19 -5.54
C ILE B 150 5.74 46.30 -4.95
N VAL B 151 5.79 47.45 -5.60
CA VAL B 151 5.02 48.62 -5.18
C VAL B 151 3.52 48.35 -5.28
N LEU B 152 3.11 47.75 -6.40
CA LEU B 152 1.71 47.44 -6.66
C LEU B 152 1.12 46.29 -5.84
N LEU B 153 1.97 45.46 -5.25
CA LEU B 153 1.48 44.34 -4.44
C LEU B 153 1.18 44.80 -3.03
N GLY B 154 1.94 45.78 -2.55
CA GLY B 154 1.73 46.30 -1.22
C GLY B 154 0.43 47.08 -1.18
N LYS B 155 -0.09 47.39 -2.35
CA LYS B 155 -1.34 48.14 -2.50
C LYS B 155 -2.49 47.21 -2.90
N LEU B 156 -2.23 45.91 -2.97
CA LEU B 156 -3.24 44.94 -3.38
C LEU B 156 -3.54 43.80 -2.42
N ASN B 157 -4.70 43.17 -2.63
CA ASN B 157 -5.15 42.02 -1.85
C ASN B 157 -5.09 40.83 -2.79
N TYR B 158 -4.00 40.07 -2.71
CA TYR B 158 -3.84 38.90 -3.55
C TYR B 158 -3.29 37.80 -2.66
N TYR B 159 -3.50 36.55 -3.05
CA TYR B 159 -3.01 35.40 -2.29
C TYR B 159 -1.53 35.21 -2.57
N LYS B 160 -1.22 34.88 -3.83
CA LYS B 160 0.15 34.66 -4.25
C LYS B 160 0.37 35.30 -5.63
N CYS B 161 1.63 35.57 -5.95
CA CYS B 161 1.98 36.20 -7.22
C CYS B 161 2.80 35.23 -8.09
N PHE B 162 2.30 34.96 -9.29
CA PHE B 162 2.98 34.04 -10.21
C PHE B 162 3.55 34.70 -11.46
N ILE B 163 4.86 34.53 -11.67
CA ILE B 163 5.52 35.09 -12.84
C ILE B 163 5.32 34.06 -13.98
N LEU B 164 4.38 34.36 -14.88
CA LEU B 164 4.06 33.48 -16.01
C LEU B 164 5.18 33.58 -17.02
N GLY B 165 5.79 34.75 -17.03
CA GLY B 165 6.94 35.02 -17.86
C GLY B 165 7.07 35.28 -19.36
N GLY B 166 8.33 35.06 -19.73
CA GLY B 166 8.86 35.21 -21.07
C GLY B 166 10.32 34.98 -20.71
N SER B 167 11.19 34.70 -21.68
CA SER B 167 12.59 34.47 -21.37
C SER B 167 13.24 35.59 -20.55
N VAL B 168 12.93 36.83 -20.92
CA VAL B 168 13.50 37.98 -20.22
C VAL B 168 12.94 38.12 -18.81
N VAL B 169 11.63 38.09 -18.70
CA VAL B 169 10.97 38.20 -17.41
C VAL B 169 11.54 37.20 -16.41
N TYR B 170 11.84 35.99 -16.89
CA TYR B 170 12.40 34.95 -16.03
C TYR B 170 13.82 35.31 -15.63
N GLN B 171 14.62 35.73 -16.61
CA GLN B 171 16.00 36.10 -16.35
C GLN B 171 16.13 37.21 -15.32
N GLU B 172 15.37 38.30 -15.51
CA GLU B 172 15.43 39.42 -14.57
C GLU B 172 14.96 39.08 -13.16
N PHE B 173 13.93 38.26 -13.04
CA PHE B 173 13.41 37.89 -11.72
C PHE B 173 14.29 36.88 -10.98
N LEU B 174 15.15 36.17 -11.71
CA LEU B 174 16.03 35.20 -11.08
C LEU B 174 17.32 35.83 -10.57
N GLU B 175 17.91 36.73 -11.36
CA GLU B 175 19.12 37.41 -10.92
C GLU B 175 18.76 38.37 -9.81
N LYS B 176 17.54 38.90 -9.86
CA LYS B 176 17.07 39.82 -8.83
C LYS B 176 16.56 39.07 -7.60
N LYS B 177 16.82 37.77 -7.57
CA LYS B 177 16.43 36.89 -6.47
C LYS B 177 15.00 37.10 -5.94
N LEU B 178 14.09 37.42 -6.85
CA LEU B 178 12.69 37.65 -6.50
C LEU B 178 11.77 36.44 -6.70
N ILE B 179 12.34 35.24 -6.66
CA ILE B 179 11.54 34.02 -6.85
C ILE B 179 11.70 33.05 -5.67
N LYS B 180 10.57 32.67 -5.08
CA LYS B 180 10.55 31.76 -3.94
C LYS B 180 10.60 30.31 -4.46
N LYS B 181 9.65 29.98 -5.33
CA LYS B 181 9.57 28.65 -5.90
C LYS B 181 9.37 28.70 -7.41
N ILE B 182 9.75 27.62 -8.08
CA ILE B 182 9.57 27.52 -9.52
C ILE B 182 8.74 26.27 -9.75
N TYR B 183 7.55 26.45 -10.29
CA TYR B 183 6.71 25.31 -10.60
C TYR B 183 7.05 25.01 -12.05
N PHE B 184 7.88 23.98 -12.21
CA PHE B 184 8.43 23.59 -13.50
C PHE B 184 7.81 22.34 -14.13
N THR B 185 7.27 22.49 -15.34
CA THR B 185 6.68 21.34 -16.04
C THR B 185 7.72 20.81 -17.02
N ARG B 186 7.92 19.51 -17.02
CA ARG B 186 8.89 18.92 -17.95
C ARG B 186 8.16 18.20 -19.07
N ILE B 187 8.22 18.79 -20.27
CA ILE B 187 7.59 18.23 -21.47
C ILE B 187 8.67 17.33 -22.07
N ASN B 188 8.44 16.03 -22.08
CA ASN B 188 9.44 15.10 -22.60
C ASN B 188 9.38 14.74 -24.08
N SER B 189 9.60 15.75 -24.91
CA SER B 189 9.62 15.61 -26.36
C SER B 189 10.36 16.83 -26.90
N THR B 190 10.92 16.72 -28.11
CA THR B 190 11.67 17.82 -28.68
C THR B 190 10.91 18.72 -29.65
N TYR B 191 11.27 20.00 -29.63
CA TYR B 191 10.67 21.01 -30.51
C TYR B 191 11.73 22.07 -30.76
N GLU B 192 11.61 22.79 -31.87
CA GLU B 192 12.58 23.84 -32.12
C GLU B 192 12.06 25.07 -31.41
N CYS B 193 12.96 25.79 -30.74
CA CYS B 193 12.58 26.97 -29.98
C CYS B 193 13.65 28.06 -30.13
N ASP B 194 13.24 29.32 -30.07
CA ASP B 194 14.22 30.40 -30.15
C ASP B 194 14.43 31.07 -28.79
N VAL B 195 13.64 30.65 -27.79
CA VAL B 195 13.77 31.18 -26.43
C VAL B 195 13.81 30.06 -25.40
N PHE B 196 14.66 30.23 -24.40
CA PHE B 196 14.81 29.21 -23.37
C PHE B 196 14.68 29.73 -21.94
N PHE B 197 14.64 28.81 -20.98
CA PHE B 197 14.52 29.18 -19.57
C PHE B 197 15.94 29.21 -19.00
N PRO B 198 16.30 30.30 -18.32
CA PRO B 198 17.65 30.40 -17.75
C PRO B 198 18.04 29.18 -16.94
N GLU B 199 19.31 28.80 -17.04
CA GLU B 199 19.79 27.64 -16.31
C GLU B 199 19.62 27.90 -14.83
N ILE B 200 19.19 26.88 -14.09
CA ILE B 200 18.99 27.03 -12.66
C ILE B 200 20.21 26.51 -11.91
N ASN B 201 20.86 27.39 -11.15
CA ASN B 201 22.03 26.97 -10.39
C ASN B 201 21.54 26.12 -9.22
N GLU B 202 22.01 24.87 -9.18
CA GLU B 202 21.61 23.95 -8.14
C GLU B 202 22.08 24.30 -6.74
N ASN B 203 22.99 25.27 -6.63
CA ASN B 203 23.43 25.69 -5.31
C ASN B 203 22.50 26.81 -4.84
N GLU B 204 21.67 27.29 -5.78
CA GLU B 204 20.69 28.34 -5.50
C GLU B 204 19.30 27.75 -5.25
N TYR B 205 18.84 26.91 -6.18
CA TYR B 205 17.52 26.27 -6.09
C TYR B 205 17.64 24.75 -6.11
N GLN B 206 16.74 24.08 -5.40
CA GLN B 206 16.74 22.62 -5.39
C GLN B 206 15.33 22.05 -5.45
N ILE B 207 15.21 20.91 -6.13
CA ILE B 207 13.93 20.23 -6.31
C ILE B 207 13.50 19.58 -5.01
N ILE B 208 12.26 19.83 -4.60
CA ILE B 208 11.73 19.25 -3.37
C ILE B 208 10.55 18.33 -3.63
N SER B 209 9.99 18.38 -4.84
CA SER B 209 8.86 17.52 -5.17
C SER B 209 8.77 17.18 -6.65
N VAL B 210 8.39 15.94 -6.91
CA VAL B 210 8.22 15.43 -8.27
C VAL B 210 6.87 14.75 -8.32
N SER B 211 6.11 15.06 -9.36
CA SER B 211 4.77 14.52 -9.52
C SER B 211 4.77 13.17 -10.21
N ASP B 212 3.56 12.64 -10.40
CA ASP B 212 3.35 11.39 -11.08
C ASP B 212 3.63 11.71 -12.56
N VAL B 213 3.83 10.69 -13.39
CA VAL B 213 4.11 10.92 -14.81
C VAL B 213 2.83 10.75 -15.62
N TYR B 214 2.62 11.61 -16.61
CA TYR B 214 1.43 11.55 -17.42
C TYR B 214 1.71 11.64 -18.91
N THR B 215 0.71 11.24 -19.69
CA THR B 215 0.77 11.31 -21.14
C THR B 215 -0.32 12.28 -21.58
N SER B 216 0.06 13.30 -22.33
CA SER B 216 -0.91 14.26 -22.83
C SER B 216 -0.48 14.70 -24.21
N ASN B 217 -1.40 14.60 -25.16
CA ASN B 217 -1.13 14.98 -26.53
C ASN B 217 0.10 14.33 -27.13
N ASN B 218 0.17 13.02 -26.99
CA ASN B 218 1.27 12.24 -27.56
C ASN B 218 2.66 12.58 -27.06
N THR B 219 2.76 12.87 -25.76
CA THR B 219 4.04 13.16 -25.12
C THR B 219 3.86 12.95 -23.62
N THR B 220 4.92 12.51 -22.95
CA THR B 220 4.85 12.32 -21.51
C THR B 220 5.35 13.62 -20.90
N LEU B 221 4.98 13.84 -19.65
CA LEU B 221 5.40 15.03 -18.93
C LEU B 221 5.13 14.80 -17.46
N ASP B 222 5.82 15.58 -16.62
CA ASP B 222 5.60 15.53 -15.19
C ASP B 222 5.83 16.94 -14.65
N PHE B 223 5.56 17.12 -13.36
CA PHE B 223 5.69 18.42 -12.73
C PHE B 223 6.62 18.36 -11.53
N ILE B 224 7.60 19.26 -11.49
CA ILE B 224 8.51 19.29 -10.36
C ILE B 224 8.45 20.66 -9.73
N ILE B 225 8.98 20.77 -8.52
CA ILE B 225 8.96 22.04 -7.80
C ILE B 225 10.32 22.41 -7.25
N TYR B 226 10.76 23.60 -7.61
CA TYR B 226 12.05 24.11 -7.17
C TYR B 226 11.83 25.01 -5.96
N LYS B 227 12.70 24.88 -4.95
CA LYS B 227 12.61 25.68 -3.74
C LYS B 227 13.94 26.42 -3.57
N LYS B 228 13.87 27.72 -3.27
CA LYS B 228 15.08 28.50 -3.06
C LYS B 228 15.73 27.91 -1.80
N THR B 229 16.96 27.43 -1.93
CA THR B 229 17.63 26.82 -0.79
C THR B 229 17.88 27.80 0.37
N ASN B 230 17.79 27.27 1.58
CA ASN B 230 17.97 28.04 2.81
C ASN B 230 19.43 28.18 3.23
N ASN B 231 20.28 28.50 2.25
CA ASN B 231 21.70 28.67 2.48
C ASN B 231 22.18 29.87 1.68
N ASP B 283 -10.01 20.56 14.73
CA ASP B 283 -10.25 19.45 15.70
C ASP B 283 -9.03 18.53 15.72
N ASP B 284 -8.22 18.66 16.78
CA ASP B 284 -7.01 17.87 16.92
C ASP B 284 -6.98 16.87 18.09
N GLU B 285 -8.16 16.38 18.48
CA GLU B 285 -8.25 15.39 19.54
C GLU B 285 -7.75 14.16 18.79
N GLU B 286 -8.12 14.13 17.51
CA GLU B 286 -7.76 13.06 16.60
C GLU B 286 -6.33 13.21 16.08
N GLU B 287 -5.62 14.22 16.56
CA GLU B 287 -4.23 14.42 16.16
C GLU B 287 -3.43 13.75 17.27
N ASP B 288 -4.04 13.67 18.45
CA ASP B 288 -3.44 13.03 19.61
C ASP B 288 -3.77 11.55 19.61
N ASP B 289 -4.99 11.22 19.18
CA ASP B 289 -5.41 9.83 19.12
C ASP B 289 -4.47 9.09 18.19
N PHE B 290 -3.93 9.81 17.22
CA PHE B 290 -2.98 9.24 16.26
C PHE B 290 -1.70 8.84 17.00
N VAL B 291 -1.22 9.74 17.87
CA VAL B 291 -0.02 9.47 18.64
C VAL B 291 -0.21 8.26 19.56
N TYR B 292 -1.40 8.15 20.15
CA TYR B 292 -1.68 7.04 21.05
C TYR B 292 -1.60 5.71 20.32
N PHE B 293 -2.18 5.64 19.12
CA PHE B 293 -2.16 4.40 18.38
C PHE B 293 -0.76 4.01 17.92
N ASN B 294 0.21 4.92 18.07
CA ASN B 294 1.61 4.63 17.71
C ASN B 294 2.47 4.37 18.94
N PHE B 295 1.82 4.16 20.10
CA PHE B 295 2.54 3.93 21.34
C PHE B 295 3.57 2.79 21.28
N ASN B 296 3.37 1.83 20.38
CA ASN B 296 4.26 0.69 20.30
C ASN B 296 5.31 0.69 19.19
N LYS B 297 5.52 1.82 18.53
CA LYS B 297 6.48 1.90 17.45
C LYS B 297 7.95 1.66 17.83
N GLU B 298 8.76 1.42 16.81
CA GLU B 298 10.17 1.08 16.98
C GLU B 298 11.29 2.13 17.23
N LYS B 299 11.93 2.48 16.11
CA LYS B 299 13.09 3.36 15.99
C LYS B 299 13.47 4.48 16.98
N GLU B 300 14.14 4.14 18.08
CA GLU B 300 14.67 5.18 18.97
C GLU B 300 15.92 5.38 18.12
N GLU B 301 15.81 4.89 16.89
CA GLU B 301 16.85 4.87 15.88
C GLU B 301 18.10 4.31 16.50
N LYS B 302 17.87 3.27 17.31
CA LYS B 302 18.94 2.55 17.92
C LYS B 302 19.56 1.91 16.69
N ASN B 303 19.13 2.53 15.57
CA ASN B 303 19.39 2.28 14.15
C ASN B 303 19.18 0.85 13.71
N LYS B 304 19.73 0.40 12.58
CA LYS B 304 19.45 -0.99 12.19
C LYS B 304 20.63 -1.71 11.53
N ASN B 305 20.67 -1.55 10.20
CA ASN B 305 21.76 -2.11 9.42
C ASN B 305 22.71 -0.92 9.52
N SER B 306 23.72 -0.82 8.66
CA SER B 306 24.61 0.34 8.76
C SER B 306 24.34 1.22 7.56
N ILE B 307 23.55 2.25 7.79
CA ILE B 307 23.21 3.18 6.73
C ILE B 307 22.93 4.52 7.41
N HIS B 308 23.85 5.47 7.19
CA HIS B 308 23.79 6.80 7.80
C HIS B 308 22.85 7.83 7.15
N PRO B 309 22.39 8.82 7.94
CA PRO B 309 21.48 9.90 7.55
C PRO B 309 21.84 10.63 6.26
N ASN B 310 22.93 11.39 6.32
CA ASN B 310 23.38 12.16 5.18
C ASN B 310 23.71 11.32 3.96
N ASP B 311 23.48 10.01 4.04
CA ASP B 311 23.73 9.13 2.91
C ASP B 311 22.64 9.36 1.88
N PHE B 312 21.41 9.50 2.35
CA PHE B 312 20.26 9.74 1.47
C PHE B 312 19.72 11.14 1.77
N GLN B 313 20.61 12.13 1.69
CA GLN B 313 20.23 13.49 1.97
C GLN B 313 19.21 14.00 0.96
N ILE B 314 19.59 13.99 -0.32
CA ILE B 314 18.70 14.45 -1.37
C ILE B 314 17.40 13.66 -1.40
N TYR B 315 17.51 12.34 -1.25
CA TYR B 315 16.35 11.47 -1.25
C TYR B 315 15.38 11.82 -0.13
N ASN B 316 15.91 12.01 1.07
CA ASN B 316 15.07 12.31 2.21
C ASN B 316 14.60 13.75 2.28
N SER B 317 15.15 14.61 1.42
CA SER B 317 14.76 16.02 1.45
C SER B 317 13.61 16.33 0.52
N LEU B 318 13.10 15.32 -0.19
CA LEU B 318 11.98 15.55 -1.07
C LEU B 318 10.72 15.43 -0.24
N LYS B 319 9.79 16.35 -0.45
CA LYS B 319 8.53 16.33 0.28
C LYS B 319 7.57 15.36 -0.41
N TYR B 320 7.29 15.62 -1.68
CA TYR B 320 6.40 14.77 -2.44
C TYR B 320 7.15 14.01 -3.53
N LYS B 321 7.06 12.70 -3.50
CA LYS B 321 7.74 11.84 -4.46
C LYS B 321 6.74 10.92 -5.17
N TYR B 322 5.95 11.50 -6.06
CA TYR B 322 4.93 10.73 -6.77
C TYR B 322 5.36 10.10 -8.09
N HIS B 323 6.58 10.38 -8.53
CA HIS B 323 7.06 9.78 -9.77
C HIS B 323 7.01 8.27 -9.56
N PRO B 324 6.46 7.52 -10.54
CA PRO B 324 6.37 6.06 -10.40
C PRO B 324 7.70 5.38 -10.08
N GLU B 325 8.79 5.96 -10.53
CA GLU B 325 10.10 5.36 -10.28
C GLU B 325 10.35 5.19 -8.78
N TYR B 326 9.72 6.02 -7.94
CA TYR B 326 9.89 5.90 -6.51
C TYR B 326 9.35 4.61 -5.92
N GLN B 327 8.45 3.94 -6.63
CA GLN B 327 7.94 2.68 -6.11
C GLN B 327 9.13 1.72 -6.03
N TYR B 328 10.01 1.81 -7.03
CA TYR B 328 11.20 0.98 -7.08
C TYR B 328 12.27 1.48 -6.09
N LEU B 329 12.48 2.80 -6.05
CA LEU B 329 13.46 3.39 -5.14
C LEU B 329 13.11 3.20 -3.66
N ASN B 330 11.82 3.31 -3.33
CA ASN B 330 11.37 3.15 -1.95
C ASN B 330 11.60 1.73 -1.45
N ILE B 331 11.40 0.76 -2.32
CA ILE B 331 11.60 -0.63 -1.93
C ILE B 331 13.07 -0.82 -1.58
N ILE B 332 13.96 -0.24 -2.37
CA ILE B 332 15.39 -0.32 -2.12
C ILE B 332 15.69 0.34 -0.79
N TYR B 333 15.12 1.51 -0.57
CA TYR B 333 15.33 2.23 0.69
C TYR B 333 14.86 1.37 1.84
N ASP B 334 13.67 0.79 1.69
CA ASP B 334 13.11 -0.03 2.74
C ASP B 334 13.96 -1.27 3.02
N ILE B 335 14.51 -1.87 1.98
CA ILE B 335 15.34 -3.05 2.21
C ILE B 335 16.62 -2.63 2.91
N MET B 336 17.20 -1.51 2.48
CA MET B 336 18.42 -1.02 3.12
C MET B 336 18.22 -0.66 4.58
N MET B 337 17.06 -0.08 4.88
CA MET B 337 16.74 0.34 6.24
C MET B 337 16.17 -0.75 7.14
N ASN B 338 15.47 -1.71 6.56
CA ASN B 338 14.83 -2.73 7.38
C ASN B 338 15.08 -4.17 6.97
N GLY B 339 15.86 -4.35 5.92
CA GLY B 339 16.15 -5.68 5.44
C GLY B 339 16.87 -6.55 6.44
N ASN B 340 16.67 -7.86 6.31
CA ASN B 340 17.31 -8.82 7.19
C ASN B 340 18.59 -9.31 6.55
N LYS B 341 19.65 -9.40 7.34
CA LYS B 341 20.95 -9.86 6.86
C LYS B 341 20.91 -11.37 6.71
N GLN B 342 21.12 -11.83 5.48
CA GLN B 342 21.10 -13.26 5.20
C GLN B 342 22.28 -13.68 4.35
N SER B 343 22.72 -14.91 4.55
CA SER B 343 23.80 -15.50 3.78
C SER B 343 23.05 -15.99 2.56
N ASP B 344 23.74 -16.28 1.47
CA ASP B 344 22.99 -16.79 0.33
C ASP B 344 23.76 -17.76 -0.55
N ARG B 345 23.00 -18.57 -1.27
CA ARG B 345 23.50 -19.60 -2.18
C ARG B 345 24.79 -19.19 -2.88
N THR B 346 24.97 -17.88 -3.05
CA THR B 346 26.15 -17.33 -3.72
C THR B 346 27.27 -16.89 -2.76
N GLY B 347 26.98 -16.85 -1.46
CA GLY B 347 27.97 -16.47 -0.47
C GLY B 347 28.39 -15.01 -0.40
N VAL B 348 27.67 -14.12 -1.06
CA VAL B 348 28.00 -12.69 -1.06
C VAL B 348 27.37 -11.93 0.11
N GLY B 349 26.19 -12.37 0.53
CA GLY B 349 25.50 -11.69 1.61
C GLY B 349 24.52 -10.69 1.02
N VAL B 350 23.31 -10.65 1.54
CA VAL B 350 22.30 -9.73 1.05
C VAL B 350 21.45 -9.17 2.18
N LEU B 351 20.59 -8.25 1.81
CA LEU B 351 19.62 -7.65 2.72
C LEU B 351 18.33 -8.03 2.01
N SER B 352 17.44 -8.70 2.72
CA SER B 352 16.19 -9.12 2.09
C SER B 352 14.96 -8.82 2.91
N LYS B 353 13.82 -8.86 2.23
CA LYS B 353 12.50 -8.66 2.81
C LYS B 353 11.59 -9.55 1.98
N PHE B 354 10.37 -9.78 2.46
CA PHE B 354 9.46 -10.67 1.76
C PHE B 354 8.10 -10.02 1.45
N GLY B 355 7.83 -9.80 0.16
CA GLY B 355 6.55 -9.23 -0.25
C GLY B 355 6.45 -7.74 -0.51
N TYR B 356 6.50 -7.36 -1.78
CA TYR B 356 6.37 -5.96 -2.20
C TYR B 356 5.50 -5.93 -3.45
N ILE B 357 4.96 -4.76 -3.75
CA ILE B 357 4.11 -4.59 -4.93
C ILE B 357 4.49 -3.29 -5.62
N MET B 358 4.45 -3.30 -6.95
CA MET B 358 4.72 -2.12 -7.75
C MET B 358 3.65 -2.11 -8.83
N LYS B 359 3.16 -0.93 -9.18
CA LYS B 359 2.16 -0.82 -10.23
C LYS B 359 2.55 0.32 -11.17
N PHE B 360 2.59 0.02 -12.45
CA PHE B 360 2.94 1.02 -13.45
C PHE B 360 1.78 1.16 -14.45
N ASP B 361 1.44 2.40 -14.77
CA ASP B 361 0.35 2.68 -15.71
C ASP B 361 0.98 2.82 -17.08
N LEU B 362 0.93 1.73 -17.85
CA LEU B 362 1.52 1.70 -19.17
C LEU B 362 0.80 2.56 -20.20
N SER B 363 -0.36 3.11 -19.84
CA SER B 363 -1.10 3.94 -20.77
C SER B 363 -0.60 5.38 -20.65
N GLN B 364 0.26 5.62 -19.67
CA GLN B 364 0.81 6.95 -19.42
C GLN B 364 2.34 7.03 -19.57
N TYR B 365 3.02 5.90 -19.61
CA TYR B 365 4.48 5.91 -19.74
C TYR B 365 5.11 4.53 -19.81
N PHE B 366 6.29 4.45 -20.41
CA PHE B 366 7.02 3.19 -20.42
C PHE B 366 7.98 3.35 -19.26
N PRO B 367 7.78 2.54 -18.21
CA PRO B 367 8.60 2.56 -16.99
C PRO B 367 10.06 2.13 -17.07
N LEU B 368 10.82 2.73 -17.99
CA LEU B 368 12.24 2.40 -18.07
C LEU B 368 12.93 3.30 -17.05
N LEU B 369 13.56 2.71 -16.03
CA LEU B 369 14.23 3.50 -14.99
C LEU B 369 15.10 4.60 -15.55
N THR B 370 14.96 5.79 -14.98
CA THR B 370 15.72 6.93 -15.46
C THR B 370 16.85 7.34 -14.52
N THR B 371 16.93 6.73 -13.33
CA THR B 371 17.98 7.09 -12.39
C THR B 371 19.34 6.42 -12.66
N LYS B 372 19.43 5.77 -13.81
CA LYS B 372 20.66 5.12 -14.26
C LYS B 372 20.32 4.68 -15.68
N LYS B 373 21.33 4.39 -16.50
CA LYS B 373 21.10 3.99 -17.88
C LYS B 373 20.74 2.52 -18.01
N LEU B 374 19.80 2.20 -18.90
CA LEU B 374 19.41 0.81 -19.14
C LEU B 374 19.33 0.56 -20.65
N PHE B 375 19.81 -0.61 -21.08
CA PHE B 375 19.78 -1.00 -22.48
C PHE B 375 18.70 -2.06 -22.66
N LEU B 376 18.00 -2.06 -23.78
CA LEU B 376 16.93 -3.03 -23.98
C LEU B 376 17.08 -4.09 -25.07
N ARG B 377 18.08 -3.98 -25.95
CA ARG B 377 18.22 -4.97 -27.02
C ARG B 377 18.24 -6.40 -26.46
N GLY B 378 19.10 -6.63 -25.48
CA GLY B 378 19.24 -7.93 -24.88
C GLY B 378 17.93 -8.51 -24.36
N ILE B 379 17.24 -7.75 -23.53
CA ILE B 379 16.01 -8.26 -22.96
C ILE B 379 14.90 -8.45 -24.00
N ILE B 380 14.92 -7.68 -25.10
CA ILE B 380 13.90 -7.87 -26.12
C ILE B 380 14.18 -9.16 -26.89
N GLU B 381 15.46 -9.41 -27.21
CA GLU B 381 15.85 -10.64 -27.90
C GLU B 381 15.54 -11.84 -27.02
N GLU B 382 15.69 -11.68 -25.70
CA GLU B 382 15.39 -12.76 -24.77
C GLU B 382 13.89 -13.08 -24.87
N LEU B 383 13.08 -12.03 -24.83
CA LEU B 383 11.64 -12.16 -24.92
C LEU B 383 11.21 -12.85 -26.23
N LEU B 384 11.82 -12.45 -27.35
CA LEU B 384 11.48 -13.05 -28.64
C LEU B 384 11.91 -14.52 -28.63
N TRP B 385 13.01 -14.78 -27.93
CA TRP B 385 13.57 -16.13 -27.77
C TRP B 385 12.54 -16.97 -26.98
N PHE B 386 11.94 -16.37 -25.95
CA PHE B 386 10.92 -17.05 -25.15
C PHE B 386 9.72 -17.44 -26.03
N ILE B 387 9.19 -16.45 -26.74
CA ILE B 387 8.04 -16.66 -27.62
C ILE B 387 8.28 -17.75 -28.66
N ARG B 388 9.51 -17.87 -29.15
CA ARG B 388 9.80 -18.93 -30.12
C ARG B 388 9.81 -20.27 -29.39
N GLY B 389 9.92 -20.25 -28.06
CA GLY B 389 9.93 -21.46 -27.27
C GLY B 389 11.30 -22.14 -27.21
N GLU B 390 12.34 -21.38 -27.52
CA GLU B 390 13.71 -21.89 -27.53
C GLU B 390 14.33 -22.14 -26.16
N THR B 391 15.27 -23.07 -26.09
CA THR B 391 15.99 -23.37 -24.86
C THR B 391 17.49 -23.39 -25.14
N ASN B 392 17.84 -23.08 -26.38
CA ASN B 392 19.23 -23.06 -26.82
C ASN B 392 19.94 -21.74 -26.50
N GLY B 393 20.76 -21.73 -25.45
CA GLY B 393 21.49 -20.54 -25.09
C GLY B 393 22.40 -19.98 -26.18
N ASN B 394 22.82 -20.82 -27.13
CA ASN B 394 23.71 -20.38 -28.20
C ASN B 394 23.03 -19.36 -29.12
N THR B 395 21.73 -19.52 -29.34
CA THR B 395 20.99 -18.57 -30.17
C THR B 395 21.25 -17.14 -29.66
N LEU B 396 21.12 -16.95 -28.35
CA LEU B 396 21.34 -15.63 -27.75
C LEU B 396 22.81 -15.21 -27.76
N LEU B 397 23.70 -16.14 -27.40
CA LEU B 397 25.14 -15.86 -27.39
C LEU B 397 25.63 -15.40 -28.75
N ASN B 398 25.07 -15.98 -29.81
CA ASN B 398 25.45 -15.60 -31.18
C ASN B 398 25.07 -14.14 -31.48
N LYS B 399 24.08 -13.61 -30.76
CA LYS B 399 23.64 -12.24 -30.96
C LYS B 399 24.20 -11.37 -29.84
N ASN B 400 25.22 -11.89 -29.18
CA ASN B 400 25.86 -11.19 -28.07
C ASN B 400 24.94 -10.74 -26.94
N VAL B 401 23.94 -11.57 -26.67
CA VAL B 401 23.00 -11.37 -25.58
C VAL B 401 23.49 -12.43 -24.60
N ARG B 402 24.19 -12.01 -23.56
CA ARG B 402 24.79 -12.94 -22.63
C ARG B 402 24.12 -13.07 -21.26
N ILE B 403 22.80 -12.89 -21.26
CA ILE B 403 22.00 -12.96 -20.04
C ILE B 403 22.01 -14.34 -19.42
N TRP B 404 22.01 -15.37 -20.26
CA TRP B 404 21.99 -16.76 -19.82
C TRP B 404 23.33 -17.49 -19.88
N GLU B 405 24.36 -16.81 -20.37
CA GLU B 405 25.66 -17.44 -20.52
C GLU B 405 26.16 -18.17 -19.27
N ALA B 406 26.16 -17.50 -18.13
CA ALA B 406 26.65 -18.11 -16.90
C ALA B 406 25.81 -19.32 -16.46
N ASN B 407 24.54 -19.34 -16.84
CA ASN B 407 23.69 -20.46 -16.47
C ASN B 407 23.84 -21.65 -17.41
N GLY B 408 24.62 -21.50 -18.46
CA GLY B 408 24.82 -22.59 -19.40
C GLY B 408 26.22 -23.17 -19.48
N THR B 409 27.12 -22.76 -18.59
CA THR B 409 28.49 -23.27 -18.64
C THR B 409 28.56 -24.70 -18.13
N ARG B 410 29.58 -25.43 -18.58
CA ARG B 410 29.80 -26.81 -18.16
C ARG B 410 29.78 -26.90 -16.64
N GLU B 411 30.47 -25.96 -15.98
CA GLU B 411 30.54 -25.93 -14.52
C GLU B 411 29.20 -25.66 -13.84
N PHE B 412 28.44 -24.70 -14.38
CA PHE B 412 27.15 -24.40 -13.77
C PHE B 412 26.23 -25.59 -13.92
N LEU B 413 26.24 -26.20 -15.10
CA LEU B 413 25.40 -27.36 -15.35
C LEU B 413 25.81 -28.53 -14.44
N ASP B 414 27.12 -28.78 -14.34
CA ASP B 414 27.60 -29.87 -13.50
C ASP B 414 27.18 -29.64 -12.05
N ASN B 415 27.24 -28.40 -11.59
CA ASN B 415 26.83 -28.06 -10.22
C ASN B 415 25.33 -28.37 -10.02
N ARG B 416 24.55 -28.24 -11.09
CA ARG B 416 23.12 -28.53 -11.07
C ARG B 416 22.91 -30.03 -11.20
N LYS B 417 24.02 -30.75 -11.33
CA LYS B 417 24.00 -32.20 -11.48
C LYS B 417 23.36 -32.61 -12.81
N LEU B 418 23.63 -31.79 -13.82
CA LEU B 418 23.15 -31.99 -15.18
C LEU B 418 24.38 -32.35 -16.00
N PHE B 419 25.06 -33.41 -15.57
CA PHE B 419 26.29 -33.88 -16.21
C PHE B 419 26.09 -34.32 -17.65
N HIS B 420 24.88 -34.72 -18.01
CA HIS B 420 24.62 -35.18 -19.37
C HIS B 420 23.95 -34.14 -20.24
N ARG B 421 24.04 -32.88 -19.83
CA ARG B 421 23.45 -31.79 -20.59
C ARG B 421 24.53 -31.01 -21.33
N GLU B 422 24.30 -30.71 -22.60
CA GLU B 422 25.27 -29.96 -23.40
C GLU B 422 25.33 -28.50 -22.93
N VAL B 423 26.52 -27.93 -23.00
CA VAL B 423 26.75 -26.55 -22.60
C VAL B 423 25.75 -25.67 -23.34
N ASN B 424 25.16 -24.71 -22.64
CA ASN B 424 24.17 -23.79 -23.20
C ASN B 424 22.81 -24.43 -23.51
N ASP B 425 22.64 -25.70 -23.17
CA ASP B 425 21.34 -26.34 -23.36
C ASP B 425 20.70 -26.12 -21.98
N LEU B 426 19.87 -25.08 -21.87
CA LEU B 426 19.26 -24.71 -20.60
C LEU B 426 18.13 -25.57 -20.08
N GLY B 427 17.75 -26.61 -20.82
CA GLY B 427 16.70 -27.48 -20.32
C GLY B 427 15.32 -26.90 -20.58
N PRO B 428 14.26 -27.53 -20.03
CA PRO B 428 12.88 -27.08 -20.21
C PRO B 428 12.52 -25.80 -19.47
N ILE B 429 13.20 -24.70 -19.81
CA ILE B 429 12.94 -23.42 -19.16
C ILE B 429 11.80 -22.65 -19.84
N TYR B 430 11.58 -21.42 -19.36
CA TYR B 430 10.54 -20.53 -19.86
C TYR B 430 9.92 -20.87 -21.22
N GLY B 431 10.68 -20.57 -22.27
CA GLY B 431 10.22 -20.82 -23.62
C GLY B 431 9.57 -22.17 -23.83
N PHE B 432 10.22 -23.22 -23.35
CA PHE B 432 9.68 -24.56 -23.50
C PHE B 432 8.34 -24.70 -22.78
N GLN B 433 8.24 -24.12 -21.57
CA GLN B 433 7.01 -24.20 -20.78
C GLN B 433 5.87 -23.40 -21.41
N TRP B 434 6.19 -22.24 -21.98
CA TRP B 434 5.21 -21.37 -22.63
C TRP B 434 4.56 -22.02 -23.84
N ARG B 435 5.34 -22.79 -24.60
CA ARG B 435 4.82 -23.43 -25.82
C ARG B 435 4.66 -24.94 -25.77
N HIS B 436 5.25 -25.61 -24.76
CA HIS B 436 5.14 -27.06 -24.69
C HIS B 436 4.98 -27.65 -23.30
N PHE B 437 4.35 -26.92 -22.40
CA PHE B 437 4.20 -27.43 -21.04
C PHE B 437 3.77 -28.89 -21.01
N GLY B 438 4.51 -29.72 -20.27
CA GLY B 438 4.18 -31.12 -20.18
C GLY B 438 4.87 -32.04 -21.18
N ALA B 439 5.46 -31.49 -22.23
CA ALA B 439 6.15 -32.34 -23.20
C ALA B 439 7.40 -32.89 -22.54
N GLU B 440 7.88 -34.02 -23.04
CA GLU B 440 9.08 -34.65 -22.52
C GLU B 440 10.27 -33.94 -23.16
N TYR B 441 11.17 -33.38 -22.34
CA TYR B 441 12.33 -32.67 -22.87
C TYR B 441 13.46 -33.65 -23.19
N THR B 442 14.02 -33.52 -24.39
CA THR B 442 15.13 -34.39 -24.81
C THR B 442 16.39 -33.51 -24.82
N ASN B 443 16.55 -32.69 -25.86
CA ASN B 443 17.69 -31.78 -25.96
C ASN B 443 17.23 -30.54 -26.71
N MET B 444 18.04 -29.49 -26.69
CA MET B 444 17.67 -28.23 -27.33
C MET B 444 17.50 -28.24 -28.84
N TYR B 445 17.81 -29.37 -29.49
CA TYR B 445 17.69 -29.47 -30.94
C TYR B 445 16.47 -30.26 -31.41
N ASP B 446 15.82 -30.98 -30.51
CA ASP B 446 14.68 -31.80 -30.90
C ASP B 446 13.50 -31.00 -31.46
N ASN B 447 12.62 -31.71 -32.16
CA ASN B 447 11.44 -31.08 -32.75
C ASN B 447 10.29 -31.26 -31.77
N TYR B 448 9.81 -30.16 -31.21
CA TYR B 448 8.73 -30.22 -30.24
C TYR B 448 7.44 -29.67 -30.80
N GLU B 449 7.39 -29.50 -32.11
CA GLU B 449 6.20 -28.96 -32.76
C GLU B 449 4.95 -29.76 -32.36
N ASN B 450 3.95 -29.03 -31.89
CA ASN B 450 2.66 -29.60 -31.46
C ASN B 450 2.74 -30.55 -30.29
N LYS B 451 3.78 -30.44 -29.48
CA LYS B 451 3.90 -31.28 -28.29
C LYS B 451 3.71 -30.42 -27.04
N GLY B 452 2.97 -30.94 -26.07
CA GLY B 452 2.71 -30.20 -24.85
C GLY B 452 1.60 -29.18 -25.00
N VAL B 453 1.37 -28.40 -23.95
CA VAL B 453 0.34 -27.38 -23.97
C VAL B 453 0.93 -26.02 -24.34
N ASP B 454 0.44 -25.47 -25.45
CA ASP B 454 0.87 -24.16 -25.94
C ASP B 454 0.08 -23.12 -25.15
N GLN B 455 0.59 -22.78 -23.97
CA GLN B 455 -0.02 -21.80 -23.07
C GLN B 455 -0.16 -20.41 -23.66
N LEU B 456 0.90 -19.96 -24.31
CA LEU B 456 0.90 -18.62 -24.90
C LEU B 456 -0.26 -18.50 -25.87
N LYS B 457 -0.35 -19.45 -26.78
CA LYS B 457 -1.41 -19.48 -27.75
C LYS B 457 -2.76 -19.50 -27.04
N ASN B 458 -2.87 -20.33 -25.99
CA ASN B 458 -4.12 -20.43 -25.25
C ASN B 458 -4.53 -19.13 -24.56
N ILE B 459 -3.58 -18.40 -23.96
CA ILE B 459 -3.97 -17.16 -23.29
C ILE B 459 -4.38 -16.11 -24.31
N ILE B 460 -3.73 -16.07 -25.46
CA ILE B 460 -4.09 -15.10 -26.46
C ILE B 460 -5.52 -15.41 -26.94
N ASN B 461 -5.85 -16.70 -27.08
CA ASN B 461 -7.21 -17.05 -27.50
C ASN B 461 -8.22 -16.70 -26.43
N LEU B 462 -7.84 -16.92 -25.16
CA LEU B 462 -8.75 -16.58 -24.05
C LEU B 462 -9.02 -15.09 -24.03
N ILE B 463 -7.96 -14.31 -24.21
CA ILE B 463 -8.07 -12.86 -24.21
C ILE B 463 -8.97 -12.37 -25.33
N LYS B 464 -8.93 -13.06 -26.46
CA LYS B 464 -9.72 -12.67 -27.62
C LYS B 464 -11.18 -13.14 -27.58
N ASN B 465 -11.41 -14.38 -27.17
CA ASN B 465 -12.75 -14.94 -27.16
C ASN B 465 -13.46 -15.10 -25.81
N ASP B 466 -12.78 -14.78 -24.72
CA ASP B 466 -13.39 -14.92 -23.40
C ASP B 466 -12.61 -14.03 -22.43
N PRO B 467 -12.53 -12.72 -22.74
CA PRO B 467 -11.81 -11.75 -21.91
C PRO B 467 -12.14 -11.64 -20.44
N THR B 468 -13.29 -12.15 -19.99
CA THR B 468 -13.61 -12.04 -18.57
C THR B 468 -13.19 -13.29 -17.81
N SER B 469 -12.50 -14.19 -18.50
CA SER B 469 -12.01 -15.41 -17.87
C SER B 469 -11.06 -15.06 -16.73
N ARG B 470 -10.99 -15.93 -15.74
CA ARG B 470 -10.12 -15.71 -14.61
C ARG B 470 -9.06 -16.80 -14.60
N ARG B 471 -8.81 -17.35 -15.78
CA ARG B 471 -7.84 -18.42 -15.96
C ARG B 471 -6.81 -18.03 -17.00
N ILE B 472 -6.74 -16.75 -17.32
CA ILE B 472 -5.78 -16.31 -18.30
C ILE B 472 -4.43 -16.18 -17.61
N LEU B 473 -3.73 -17.30 -17.48
CA LEU B 473 -2.43 -17.34 -16.83
C LEU B 473 -1.38 -18.06 -17.66
N LEU B 474 -0.14 -17.61 -17.51
CA LEU B 474 1.00 -18.19 -18.20
C LEU B 474 1.87 -18.60 -17.02
N CYS B 475 2.18 -19.89 -16.91
CA CYS B 475 2.98 -20.39 -15.79
C CYS B 475 4.24 -21.09 -16.27
N ALA B 476 5.38 -20.60 -15.81
CA ALA B 476 6.67 -21.16 -16.19
C ALA B 476 7.15 -22.13 -15.14
N TRP B 477 6.54 -22.12 -13.96
CA TRP B 477 6.95 -22.99 -12.89
C TRP B 477 6.38 -24.40 -12.97
N ASN B 478 6.99 -25.23 -13.82
CA ASN B 478 6.58 -26.62 -14.01
C ASN B 478 7.30 -27.49 -12.95
N VAL B 479 6.60 -27.76 -11.85
CA VAL B 479 7.14 -28.54 -10.75
C VAL B 479 7.90 -29.81 -11.20
N LYS B 480 7.31 -30.54 -12.14
CA LYS B 480 7.92 -31.78 -12.63
C LYS B 480 9.27 -31.60 -13.33
N ASP B 481 9.41 -30.48 -14.03
CA ASP B 481 10.61 -30.15 -14.77
C ASP B 481 11.66 -29.29 -14.08
N LEU B 482 11.34 -28.72 -12.93
CA LEU B 482 12.29 -27.84 -12.25
C LEU B 482 13.76 -28.30 -12.26
N ASP B 483 14.03 -29.51 -11.76
CA ASP B 483 15.42 -30.02 -11.71
C ASP B 483 16.14 -30.13 -13.03
N GLN B 484 15.40 -30.37 -14.10
CA GLN B 484 15.99 -30.48 -15.42
C GLN B 484 16.37 -29.10 -15.99
N MET B 485 15.90 -28.03 -15.35
CA MET B 485 16.21 -26.67 -15.80
C MET B 485 17.57 -26.17 -15.28
N ALA B 486 18.28 -25.39 -16.10
CA ALA B 486 19.56 -24.83 -15.65
C ALA B 486 19.30 -24.22 -14.27
N LEU B 487 18.13 -23.59 -14.13
CA LEU B 487 17.67 -23.02 -12.85
C LEU B 487 16.17 -22.75 -12.95
N PRO B 488 15.44 -22.90 -11.85
CA PRO B 488 13.99 -22.65 -11.88
C PRO B 488 13.69 -21.20 -12.26
N PRO B 489 12.54 -20.95 -12.89
CA PRO B 489 12.22 -19.57 -13.28
C PRO B 489 12.12 -18.60 -12.10
N CYS B 490 12.58 -17.36 -12.30
CA CYS B 490 12.51 -16.33 -11.28
C CYS B 490 11.09 -15.74 -11.37
N HIS B 491 10.62 -15.57 -12.60
CA HIS B 491 9.29 -15.04 -12.89
C HIS B 491 8.38 -16.25 -12.98
N ILE B 492 7.64 -16.51 -11.91
CA ILE B 492 6.77 -17.67 -11.80
C ILE B 492 5.60 -17.74 -12.77
N LEU B 493 4.81 -16.68 -12.82
CA LEU B 493 3.65 -16.68 -13.68
C LEU B 493 3.14 -15.28 -14.01
N CYS B 494 2.23 -15.23 -14.98
CA CYS B 494 1.60 -13.99 -15.44
C CYS B 494 0.10 -14.19 -15.43
N GLN B 495 -0.62 -13.18 -14.95
CA GLN B 495 -2.06 -13.28 -15.04
C GLN B 495 -2.50 -12.03 -15.78
N PHE B 496 -3.46 -12.19 -16.68
CA PHE B 496 -3.99 -11.07 -17.44
C PHE B 496 -5.40 -10.78 -17.03
N TYR B 497 -5.80 -9.53 -17.24
CA TYR B 497 -7.14 -9.07 -16.90
C TYR B 497 -7.57 -8.12 -18.02
N VAL B 498 -8.80 -8.30 -18.49
CA VAL B 498 -9.33 -7.46 -19.54
C VAL B 498 -10.63 -6.76 -19.14
N PHE B 499 -10.70 -5.46 -19.41
CA PHE B 499 -11.91 -4.69 -19.16
C PHE B 499 -11.96 -3.45 -20.04
N ASP B 500 -13.11 -3.22 -20.67
CA ASP B 500 -13.31 -2.06 -21.53
C ASP B 500 -12.14 -1.84 -22.49
N GLY B 501 -11.81 -2.88 -23.24
CA GLY B 501 -10.74 -2.81 -24.21
C GLY B 501 -9.34 -2.57 -23.66
N LYS B 502 -9.13 -2.85 -22.38
CA LYS B 502 -7.82 -2.62 -21.79
C LYS B 502 -7.28 -3.87 -21.09
N LEU B 503 -5.98 -4.10 -21.27
CA LEU B 503 -5.32 -5.28 -20.70
C LEU B 503 -4.34 -4.97 -19.57
N SER B 504 -4.54 -5.61 -18.43
CA SER B 504 -3.63 -5.44 -17.31
C SER B 504 -2.92 -6.77 -17.05
N CYS B 505 -1.75 -6.71 -16.45
CA CYS B 505 -0.97 -7.90 -16.18
C CYS B 505 -0.28 -7.90 -14.83
N ILE B 506 -0.29 -9.06 -14.18
CA ILE B 506 0.36 -9.23 -12.89
C ILE B 506 1.39 -10.34 -13.09
N MET B 507 2.61 -10.07 -12.64
CA MET B 507 3.65 -11.07 -12.75
C MET B 507 4.15 -11.32 -11.34
N TYR B 508 4.23 -12.58 -10.95
CA TYR B 508 4.73 -12.93 -9.63
C TYR B 508 6.18 -13.39 -9.74
N GLN B 509 7.07 -12.72 -9.01
CA GLN B 509 8.48 -13.08 -9.06
C GLN B 509 8.92 -13.62 -7.69
N ARG B 510 9.48 -14.81 -7.68
CA ARG B 510 9.90 -15.45 -6.43
C ARG B 510 11.22 -14.93 -5.86
N SER B 511 12.09 -14.46 -6.73
CA SER B 511 13.39 -13.97 -6.30
C SER B 511 13.69 -12.72 -7.09
N CYS B 512 14.02 -11.65 -6.40
CA CYS B 512 14.25 -10.38 -7.08
C CYS B 512 15.54 -9.71 -6.66
N ASP B 513 16.43 -9.50 -7.62
CA ASP B 513 17.68 -8.82 -7.34
C ASP B 513 17.35 -7.36 -7.64
N LEU B 514 17.04 -6.62 -6.60
CA LEU B 514 16.66 -5.22 -6.77
C LEU B 514 17.67 -4.36 -7.52
N GLY B 515 18.95 -4.57 -7.25
CA GLY B 515 20.00 -3.78 -7.89
C GLY B 515 20.23 -3.98 -9.37
N LEU B 516 20.25 -5.23 -9.82
CA LEU B 516 20.51 -5.50 -11.24
C LEU B 516 19.34 -6.06 -12.03
N GLY B 517 18.70 -7.09 -11.48
CA GLY B 517 17.60 -7.72 -12.19
C GLY B 517 16.30 -6.97 -12.36
N VAL B 518 15.69 -6.60 -11.24
CA VAL B 518 14.42 -5.90 -11.22
C VAL B 518 14.21 -4.80 -12.27
N PRO B 519 15.19 -3.89 -12.45
CA PRO B 519 14.96 -2.85 -13.46
C PRO B 519 14.63 -3.47 -14.82
N PHE B 520 15.38 -4.51 -15.18
CA PHE B 520 15.18 -5.21 -16.46
C PHE B 520 13.84 -5.97 -16.48
N ASN B 521 13.50 -6.61 -15.36
CA ASN B 521 12.25 -7.36 -15.26
C ASN B 521 11.07 -6.44 -15.55
N ILE B 522 11.07 -5.27 -14.92
CA ILE B 522 10.02 -4.27 -15.12
C ILE B 522 9.87 -3.95 -16.61
N ALA B 523 10.98 -3.63 -17.27
CA ALA B 523 10.96 -3.31 -18.69
C ALA B 523 10.48 -4.50 -19.53
N SER B 524 10.99 -5.69 -19.23
CA SER B 524 10.62 -6.89 -19.96
C SER B 524 9.11 -7.16 -20.00
N TYR B 525 8.48 -7.27 -18.83
CA TYR B 525 7.04 -7.53 -18.78
C TYR B 525 6.19 -6.36 -19.21
N SER B 526 6.72 -5.14 -19.11
CA SER B 526 5.96 -4.01 -19.59
C SER B 526 5.91 -4.17 -21.13
N ILE B 527 7.05 -4.47 -21.73
CA ILE B 527 7.09 -4.66 -23.18
C ILE B 527 6.16 -5.81 -23.56
N PHE B 528 6.26 -6.92 -22.82
CA PHE B 528 5.45 -8.10 -23.09
C PHE B 528 3.96 -7.80 -23.00
N THR B 529 3.55 -7.00 -22.01
CA THR B 529 2.14 -6.65 -21.87
C THR B 529 1.69 -5.89 -23.12
N HIS B 530 2.54 -4.98 -23.60
CA HIS B 530 2.25 -4.21 -24.82
C HIS B 530 2.08 -5.20 -25.99
N MET B 531 3.03 -6.11 -26.15
CA MET B 531 2.96 -7.08 -27.23
C MET B 531 1.63 -7.84 -27.21
N ILE B 532 1.28 -8.42 -26.08
CA ILE B 532 0.03 -9.18 -25.98
C ILE B 532 -1.18 -8.29 -26.25
N ALA B 533 -1.16 -7.07 -25.72
CA ALA B 533 -2.29 -6.16 -25.92
C ALA B 533 -2.51 -5.93 -27.40
N GLN B 534 -1.46 -5.51 -28.10
CA GLN B 534 -1.55 -5.24 -29.53
C GLN B 534 -2.04 -6.40 -30.41
N VAL B 535 -1.53 -7.61 -30.20
CA VAL B 535 -1.98 -8.73 -31.02
C VAL B 535 -3.38 -9.20 -30.64
N CYS B 536 -3.98 -8.53 -29.66
CA CYS B 536 -5.34 -8.86 -29.22
C CYS B 536 -6.26 -7.65 -29.40
N ASN B 537 -5.75 -6.61 -30.05
CA ASN B 537 -6.52 -5.38 -30.28
C ASN B 537 -6.99 -4.70 -29.01
N LEU B 538 -6.10 -4.65 -28.02
CA LEU B 538 -6.43 -4.00 -26.76
C LEU B 538 -5.38 -2.94 -26.46
N GLN B 539 -5.67 -2.10 -25.47
CA GLN B 539 -4.74 -1.07 -25.06
C GLN B 539 -4.16 -1.52 -23.74
N PRO B 540 -2.85 -1.41 -23.57
CA PRO B 540 -2.27 -1.84 -22.30
C PRO B 540 -2.65 -0.87 -21.17
N ALA B 541 -2.97 -1.42 -20.00
CA ALA B 541 -3.33 -0.60 -18.85
C ALA B 541 -2.24 -0.71 -17.78
N GLN B 542 -2.46 -1.55 -16.77
CA GLN B 542 -1.49 -1.69 -15.70
C GLN B 542 -0.62 -2.92 -15.73
N PHE B 543 0.64 -2.74 -15.32
CA PHE B 543 1.53 -3.87 -15.16
C PHE B 543 1.74 -3.89 -13.65
N ILE B 544 1.49 -5.03 -13.03
CA ILE B 544 1.62 -5.16 -11.59
C ILE B 544 2.68 -6.20 -11.27
N HIS B 545 3.75 -5.76 -10.62
CA HIS B 545 4.89 -6.59 -10.26
C HIS B 545 4.80 -7.03 -8.79
N VAL B 546 4.65 -8.33 -8.56
CA VAL B 546 4.57 -8.84 -7.20
C VAL B 546 5.90 -9.51 -6.86
N LEU B 547 6.62 -8.95 -5.89
CA LEU B 547 7.93 -9.47 -5.48
C LEU B 547 7.83 -10.33 -4.24
N GLY B 548 8.39 -11.53 -4.31
CA GLY B 548 8.37 -12.42 -3.17
C GLY B 548 9.59 -12.12 -2.32
N ASN B 549 10.67 -12.85 -2.56
CA ASN B 549 11.92 -12.63 -1.83
C ASN B 549 12.62 -11.50 -2.56
N ALA B 550 12.59 -10.30 -2.00
CA ALA B 550 13.22 -9.12 -2.61
C ALA B 550 14.52 -8.84 -1.87
N HIS B 551 15.64 -8.84 -2.59
CA HIS B 551 16.94 -8.62 -1.97
C HIS B 551 17.88 -7.66 -2.67
N VAL B 552 18.82 -7.14 -1.88
CA VAL B 552 19.84 -6.23 -2.37
C VAL B 552 21.19 -6.82 -1.96
N TYR B 553 22.04 -7.09 -2.94
CA TYR B 553 23.35 -7.63 -2.66
C TYR B 553 24.20 -6.57 -1.95
N ASN B 554 24.89 -6.96 -0.89
CA ASN B 554 25.72 -6.01 -0.15
C ASN B 554 26.72 -5.28 -1.05
N ASN B 555 27.18 -5.92 -2.12
CA ASN B 555 28.11 -5.28 -3.03
C ASN B 555 27.45 -4.21 -3.90
N HIS B 556 26.11 -4.15 -3.87
CA HIS B 556 25.38 -3.17 -4.66
C HIS B 556 25.01 -1.94 -3.84
N ILE B 557 25.16 -2.03 -2.52
CA ILE B 557 24.76 -0.94 -1.64
C ILE B 557 25.29 0.47 -1.93
N ASP B 558 26.61 0.61 -2.09
CA ASP B 558 27.16 1.93 -2.35
C ASP B 558 26.65 2.52 -3.65
N SER B 559 26.39 1.66 -4.64
CA SER B 559 25.89 2.13 -5.92
C SER B 559 24.43 2.54 -5.78
N LEU B 560 23.64 1.74 -5.08
CA LEU B 560 22.24 2.06 -4.90
C LEU B 560 22.08 3.36 -4.09
N LYS B 561 23.00 3.61 -3.16
CA LYS B 561 22.94 4.84 -2.36
C LYS B 561 23.09 6.03 -3.30
N ILE B 562 24.01 5.92 -4.25
CA ILE B 562 24.22 6.99 -5.21
C ILE B 562 22.95 7.15 -6.07
N GLN B 563 22.33 6.04 -6.43
CA GLN B 563 21.12 6.09 -7.25
C GLN B 563 19.90 6.69 -6.56
N LEU B 564 19.71 6.39 -5.29
CA LEU B 564 18.56 6.92 -4.55
C LEU B 564 18.55 8.45 -4.42
N ASN B 565 19.73 9.06 -4.51
CA ASN B 565 19.83 10.51 -4.39
C ASN B 565 19.75 11.21 -5.73
N ARG B 566 19.30 10.47 -6.74
CA ARG B 566 19.14 11.02 -8.07
C ARG B 566 17.64 11.21 -8.28
N ILE B 567 17.27 12.29 -8.96
CA ILE B 567 15.86 12.58 -9.19
C ILE B 567 15.42 12.15 -10.56
N PRO B 568 14.40 11.29 -10.62
CA PRO B 568 13.83 10.75 -11.86
C PRO B 568 13.47 11.84 -12.88
N TYR B 569 13.41 11.43 -14.15
CA TYR B 569 13.07 12.29 -15.26
C TYR B 569 11.76 11.74 -15.81
N PRO B 570 11.00 12.56 -16.53
CA PRO B 570 9.76 11.96 -17.05
C PRO B 570 10.15 10.71 -17.85
N PHE B 571 9.33 9.67 -17.73
CA PHE B 571 9.58 8.41 -18.43
C PHE B 571 9.50 8.49 -19.94
N PRO B 572 10.12 7.51 -20.62
CA PRO B 572 10.10 7.46 -22.09
C PRO B 572 8.82 6.74 -22.47
N THR B 573 8.64 6.46 -23.76
CA THR B 573 7.47 5.73 -24.24
C THR B 573 7.92 4.64 -25.20
N LEU B 574 7.14 3.55 -25.24
CA LEU B 574 7.45 2.42 -26.10
C LEU B 574 6.57 2.40 -27.33
N LYS B 575 7.18 2.32 -28.50
CA LYS B 575 6.42 2.26 -29.74
C LYS B 575 6.67 0.92 -30.45
N LEU B 576 5.59 0.22 -30.76
CA LEU B 576 5.68 -1.05 -31.45
C LEU B 576 5.24 -0.89 -32.90
N ASN B 577 5.83 -1.69 -33.79
CA ASN B 577 5.45 -1.66 -35.20
C ASN B 577 3.95 -2.04 -35.20
N PRO B 578 3.08 -1.08 -35.57
CA PRO B 578 1.64 -1.34 -35.58
C PRO B 578 1.22 -2.49 -36.49
N ASP B 579 2.02 -2.75 -37.53
CA ASP B 579 1.72 -3.81 -38.49
C ASP B 579 1.70 -5.23 -37.91
N ILE B 580 2.51 -5.48 -36.88
CA ILE B 580 2.58 -6.81 -36.26
C ILE B 580 1.25 -7.15 -35.60
N LYS B 581 0.64 -8.25 -36.03
CA LYS B 581 -0.65 -8.64 -35.48
C LYS B 581 -0.70 -10.03 -34.85
N ASN B 582 0.42 -10.74 -34.89
CA ASN B 582 0.50 -12.07 -34.29
C ASN B 582 1.68 -12.08 -33.32
N ILE B 583 1.50 -12.70 -32.16
CA ILE B 583 2.55 -12.73 -31.14
C ILE B 583 3.90 -13.24 -31.65
N GLU B 584 3.87 -14.14 -32.61
CA GLU B 584 5.10 -14.72 -33.15
C GLU B 584 5.79 -13.93 -34.28
N ASP B 585 5.23 -12.81 -34.71
CA ASP B 585 5.84 -12.05 -35.80
C ASP B 585 6.71 -10.85 -35.42
N PHE B 586 7.01 -10.68 -34.15
CA PHE B 586 7.85 -9.53 -33.76
C PHE B 586 9.32 -9.81 -34.02
N THR B 587 10.04 -8.79 -34.43
CA THR B 587 11.47 -8.89 -34.68
C THR B 587 12.10 -7.69 -33.97
N ILE B 588 13.39 -7.76 -33.71
CA ILE B 588 14.06 -6.67 -33.00
C ILE B 588 13.84 -5.26 -33.55
N SER B 589 13.63 -5.13 -34.85
CA SER B 589 13.42 -3.80 -35.46
C SER B 589 12.03 -3.22 -35.19
N ASP B 590 11.13 -4.04 -34.67
CA ASP B 590 9.77 -3.63 -34.38
C ASP B 590 9.55 -2.90 -33.05
N PHE B 591 10.64 -2.65 -32.31
CA PHE B 591 10.56 -1.98 -31.01
C PHE B 591 11.35 -0.68 -30.98
N THR B 592 10.72 0.40 -30.53
CA THR B 592 11.42 1.68 -30.45
C THR B 592 11.09 2.41 -29.15
N ILE B 593 12.15 2.83 -28.46
CA ILE B 593 12.05 3.56 -27.20
C ILE B 593 12.26 5.03 -27.57
N GLN B 594 11.28 5.88 -27.27
CA GLN B 594 11.42 7.29 -27.60
C GLN B 594 11.53 8.17 -26.37
N ASN B 595 12.33 9.23 -26.49
CA ASN B 595 12.54 10.20 -25.43
C ASN B 595 13.03 9.66 -24.10
N TYR B 596 14.00 8.76 -24.16
CA TYR B 596 14.55 8.20 -22.93
C TYR B 596 15.61 9.17 -22.41
N VAL B 597 15.23 9.94 -21.39
CA VAL B 597 16.13 10.90 -20.75
C VAL B 597 16.55 10.24 -19.45
N HIS B 598 17.85 10.07 -19.26
CA HIS B 598 18.35 9.36 -18.08
C HIS B 598 19.65 9.89 -17.48
N HIS B 599 19.93 9.45 -16.26
CA HIS B 599 21.15 9.80 -15.55
C HIS B 599 22.26 8.91 -16.11
N GLU B 600 23.52 9.18 -15.74
CA GLU B 600 24.61 8.36 -16.27
C GLU B 600 24.55 6.94 -15.73
N LYS B 601 25.25 6.04 -16.42
CA LYS B 601 25.26 4.65 -16.06
C LYS B 601 25.96 4.38 -14.74
N ILE B 602 25.62 3.26 -14.12
CA ILE B 602 26.19 2.85 -12.86
C ILE B 602 26.45 1.35 -12.92
N SER B 603 27.66 0.92 -12.57
CA SER B 603 27.97 -0.50 -12.53
C SER B 603 27.61 -0.78 -11.09
N MET B 604 26.66 -1.67 -10.86
CA MET B 604 26.21 -1.96 -9.50
C MET B 604 27.29 -2.53 -8.58
N ASP B 605 28.18 -3.35 -9.12
CA ASP B 605 29.23 -3.97 -8.30
C ASP B 605 30.41 -3.04 -7.97
C1 MMV C . -7.09 1.88 33.08
N2 MMV C . -7.14 1.79 31.75
C3 MMV C . -6.38 0.92 31.11
N4 MMV C . -5.56 0.13 31.76
C5 MMV C . -5.47 0.17 33.08
C6 MMV C . -6.25 1.07 33.84
N7 MMV C . -7.89 2.78 33.66
N8 MMV C . -6.43 0.84 29.77
C9 MMV C . -4.48 -0.81 33.69
C10 MMV C . -5.23 -2.14 33.96
O11 MMV C . -6.11 1.08 35.19
C12 MMV C . -5.40 2.16 35.75
C13 MMV C . -5.72 2.04 37.22
C14 MMV C . -4.65 1.39 38.07
O15 MMV C . -3.40 1.21 37.44
C16 MMV C . -2.47 0.26 37.81
C17 MMV C . -1.09 0.53 37.53
C18 MMV C . -0.12 -0.44 37.89
C19 MMV C . -0.47 -1.64 38.52
C20 MMV C . -1.83 -1.90 38.80
C21 MMV C . -2.81 -0.96 38.45
C22 MMV C . -0.67 1.82 36.82
C23 MMV C . 0.83 2.20 36.73
C24 MMV C . 1.18 3.47 35.97
O25 MMV C . 2.50 3.67 35.98
O26 MMV C . 0.41 4.23 35.42
PA NDP D . -13.66 2.88 42.77
O1A NDP D . -14.54 3.59 41.88
O2A NDP D . -12.20 2.65 42.47
O5B NDP D . -13.71 3.68 44.21
C5B NDP D . -14.98 3.86 44.85
C4B NDP D . -14.61 4.69 46.06
O4B NDP D . -14.01 5.94 45.56
C3B NDP D . -15.69 5.13 46.96
O3B NDP D . -16.32 4.11 47.79
C2B NDP D . -15.17 6.35 47.61
O2B NDP D . -14.14 6.21 48.60
C1B NDP D . -14.64 6.97 46.33
N9A NDP D . -15.57 7.85 45.55
C8A NDP D . -16.19 7.61 44.31
N7A NDP D . -16.93 8.62 43.93
C5A NDP D . -16.84 9.55 44.92
C6A NDP D . -17.38 10.86 45.13
N6A NDP D . -18.19 11.41 44.23
N1A NDP D . -17.07 11.54 46.28
C2A NDP D . -16.24 10.98 47.19
N3A NDP D . -15.67 9.76 47.09
C4A NDP D . -16.01 9.10 45.92
O3 NDP D . -14.20 1.49 43.21
PN NDP D . -14.86 0.20 42.57
O1N NDP D . -15.03 -0.75 43.67
O2N NDP D . -16.00 0.68 41.72
O5D NDP D . -13.68 -0.17 41.54
C5D NDP D . -12.41 -0.74 42.00
C4D NDP D . -12.17 -2.03 41.19
O4D NDP D . -11.99 -1.62 39.86
C3D NDP D . -10.83 -2.67 41.57
O3D NDP D . -10.91 -4.10 41.54
C2D NDP D . -9.80 -2.09 40.64
O2D NDP D . -8.73 -3.00 40.45
C1D NDP D . -10.73 -2.05 39.35
N1N NDP D . -10.29 -1.05 38.35
C2N NDP D . -10.17 -1.57 37.05
C3N NDP D . -9.76 -0.64 36.01
C7N NDP D . -9.61 -1.11 34.62
O7N NDP D . -9.28 -0.37 33.67
N7N NDP D . -9.84 -2.41 34.31
C4N NDP D . -9.52 0.70 36.37
C5N NDP D . -9.65 1.18 37.66
C6N NDP D . -10.04 0.31 38.66
P2B NDP D . -14.37 6.01 50.10
O1X NDP D . -15.04 4.69 50.18
O2X NDP D . -13.06 6.04 50.79
O3X NDP D . -15.28 7.12 50.62
P PO4 E . -13.19 -19.47 -11.76
O1 PO4 E . -13.72 -18.81 -13.21
O2 PO4 E . -14.50 -19.99 -10.83
O3 PO4 E . -12.26 -20.75 -12.06
O4 PO4 E . -12.31 -18.34 -10.89
C1 MMV F . 3.42 28.70 -17.81
N2 MMV F . 3.60 27.61 -17.09
C3 MMV F . 3.06 26.46 -17.45
N4 MMV F . 2.33 26.37 -18.54
C5 MMV F . 2.12 27.43 -19.29
C6 MMV F . 2.67 28.69 -18.97
N7 MMV F . 4.01 29.80 -17.36
N8 MMV F . 3.26 25.39 -16.69
C9 MMV F . 1.27 27.18 -20.52
C10 MMV F . 2.08 27.14 -21.83
O11 MMV F . 2.42 29.76 -19.80
C12 MMV F . 1.52 30.75 -19.34
C13 MMV F . 1.62 31.85 -20.38
C14 MMV F . 0.63 31.69 -21.54
O15 MMV F . -0.67 31.16 -21.23
C16 MMV F . -1.53 30.70 -22.24
C17 MMV F . -2.91 30.43 -21.92
C18 MMV F . -3.78 29.98 -22.94
C19 MMV F . -3.33 29.78 -24.24
C20 MMV F . -2.00 30.04 -24.57
C21 MMV F . -1.12 30.50 -23.59
C22 MMV F . -3.45 30.61 -20.50
C23 MMV F . -4.97 30.35 -20.24
C24 MMV F . -5.45 30.50 -18.83
O25 MMV F . -4.79 30.81 -17.87
O26 MMV F . -6.77 30.24 -18.76
PA NDP G . 8.66 38.22 -22.49
O1A NDP G . 9.70 38.12 -21.50
O2A NDP G . 7.32 37.58 -22.34
O5B NDP G . 8.38 39.83 -22.69
C5B NDP G . 9.49 40.70 -22.96
C4B NDP G . 8.85 42.07 -23.15
O4B NDP G . 8.45 42.48 -21.81
C3B NDP G . 9.75 43.14 -23.64
O3B NDP G . 10.17 43.17 -25.02
C2B NDP G . 9.37 44.39 -22.97
O2B NDP G . 8.36 45.21 -23.58
C1B NDP G . 9.00 43.79 -21.63
N9A NDP G . 10.06 43.86 -20.58
C8A NDP G . 11.20 43.04 -20.40
N7A NDP G . 11.90 43.41 -19.36
C5A NDP G . 11.24 44.47 -18.82
C6A NDP G . 11.47 45.31 -17.71
N6A NDP G . 12.54 45.13 -16.93
N1A NDP G . 10.60 46.32 -17.43
C2A NDP G . 9.50 46.50 -18.23
N3A NDP G . 9.20 45.77 -19.29
C4A NDP G . 10.11 44.76 -19.55
O3 NDP G . 9.14 37.79 -23.93
PN NDP G . 10.13 36.74 -24.64
O1N NDP G . 10.18 37.14 -26.06
O2N NDP G . 11.38 36.67 -23.80
O5D NDP G . 9.32 35.38 -24.34
C5D NDP G . 8.00 35.13 -24.97
C4D NDP G . 8.00 33.66 -25.52
O4D NDP G . 7.94 32.83 -24.39
C3D NDP G . 6.68 33.36 -26.27
O3D NDP G . 6.90 32.52 -27.41
C2D NDP G . 5.72 32.79 -25.27
O2D NDP G . 4.82 31.90 -25.92
C1D NDP G . 6.80 31.96 -24.44
N1N NDP G . 6.35 31.71 -23.04
C2N NDP G . 6.54 30.39 -22.61
C3N NDP G . 6.13 30.07 -21.26
C7N NDP G . 6.31 28.70 -20.75
O7N NDP G . 5.99 28.34 -19.60
N7N NDP G . 6.84 27.76 -21.54
C4N NDP G . 5.58 31.09 -20.46
C5N NDP G . 5.40 32.40 -20.90
C6N NDP G . 5.79 32.71 -22.20
P2B NDP G . 8.65 46.53 -24.33
O1X NDP G . 9.32 46.07 -25.55
O2X NDP G . 7.36 47.21 -24.59
O3X NDP G . 9.59 47.39 -23.49
P PO4 H . 17.80 -18.09 -6.97
O1 PO4 H . 19.17 -18.47 -7.69
O2 PO4 H . 17.90 -16.53 -6.36
O3 PO4 H . 17.51 -19.18 -5.72
O4 PO4 H . 16.57 -18.20 -8.09
#